data_8PP6
#
_entry.id   8PP6
#
_cell.length_a   1.00
_cell.length_b   1.00
_cell.length_c   1.00
_cell.angle_alpha   90.00
_cell.angle_beta   90.00
_cell.angle_gamma   90.00
#
_symmetry.space_group_name_H-M   'P 1'
#
loop_
_entity.id
_entity.type
_entity.pdbx_description
1 polymer 'Histone H3 (Fragment)'
2 polymer 'Histone H4'
3 polymer 'Histone H2A'
4 polymer 'Histone H2B'
5 polymer 'DNA (215-MER)'
6 polymer 'DNA (215-MER)'
7 polymer 'RING1 and YY1-binding protein'
8 polymer 'Ubiquitin-40S ribosomal protein S27a (Fragment)'
9 non-polymer 'ZINC ION'
#
loop_
_entity_poly.entity_id
_entity_poly.type
_entity_poly.pdbx_seq_one_letter_code
_entity_poly.pdbx_strand_id
1 'polypeptide(L)'
;ARTKQTARKSTGGKAPRKQLATKAARKSAPATGGVKKPHRYRPGTVALREIRRYQKSTELLIRKLPFQRLVREIAQDFKT
DLRFQSSAVMALQEASEAYLVGLFEDTNLCAIHAKRVTIMPKDIQLARRIRGERA
;
A,E
2 'polypeptide(L)'
;MITGRGKGGKGLGKGGAKRHRKVLRDNIQGITKPAIRRLARRGGVKRISGLIYEETRGVLKVFLENVIRDAVTYTEHAKR
KTVTAMDVVYALKRQGRTLYGFGG
;
B,F
3 'polypeptide(L)'
;SGRGKGGKVKGKAKSRSNRAGLQFPVGRIHRLLRKGNYAERVGAGAPVYLAAVMEYLAAEVLELAGNAARDNKKTRIIPR
HLQLAIRNDEELNKLLSGVTIAQGGVLPNIQAVLLPKKTEKKA
;
C,G
4 'polypeptide(L)'
;IPPKTSGKAAKKAGKAQKNITKTDKKKKRKRKESYAIYIYKVLKQVHPDTGISSKAMSIMNSFVNDIFERIAAEASRLAH
YNKRSTITSREIQTAVRLLLPGELAKHAVSEGTKAVTKYTSSK
;
D,H
5 'polydeoxyribonucleotide'
;(DA)(DT)(DA)(DT)(DC)(DT)(DC)(DG)(DG)(DG)(DC)(DT)(DT)(DA)(DT)(DG)(DT)(DG)(DA)(DT)
(DG)(DG)(DA)(DC)(DC)(DC)(DT)(DA)(DT)(DA)(DC)(DG)(DC)(DG)(DG)(DC)(DG)(DG)(DA)(DC)
(DC)(DT)(DG)(DG)(DA)(DG)(DA)(DA)(DT)(DC)(DC)(DC)(DG)(DG)(DT)(DG)(DC)(DC)(DG)(DA)
(DG)(DG)(DC)(DC)(DG)(DC)(DT)(DC)(DA)(DA)(DT)(DT)(DG)(DG)(DT)(DC)(DG)(DT)(DA)(DG)
(DA)(DC)(DA)(DG)(DC)(DT)(DC)(DT)(DA)(DG)(DC)(DA)(DC)(DC)(DG)(DC)(DT)(DT)(DA)(DA)
(DA)(DC)(DG)(DC)(DA)(DC)(DG)(DT)(DA)(DC)(DG)(DC)(DG)(DC)(DT)(DG)(DT)(DC)(DC)(DC)
(DC)(DC)(DG)(DC)(DG)(DT)(DT)(DT)(DT)(DA)(DA)(DC)(DC)(DG)(DC)(DC)(DA)(DA)(DG)(DG)
(DG)(DG)(DA)(DT)(DT)(DA)(DC)(DT)(DC)(DC)(DC)(DT)(DA)(DG)(DT)(DC)(DT)(DC)(DC)(DA)
(DG)(DG)(DC)(DA)(DC)(DG)(DT)(DG)(DT)(DC)(DA)(DG)(DA)(DT)(DA)(DT)(DA)(DT)(DA)(DC)
(DA)(DT)(DC)(DC)(DT)(DG)(DT)(DG)(DT)(DA)(DT)(DT)(DT)(DA)(DT)(DT)(DG)(DA)(DA)(DC)
(DA)(DG)(DC)(DG)(DA)(DC)(DT)(DC)(DG)(DG)(DG)(DA)(DT)(DA)(DT)(DC)(DT)(DC)(DT)(DA)
(DG)(DA)(DG)(DT)(DC)(DG)(DA)(DC)(DC)(DT)(DG)(DC)(DA)(DG)(DG)(DC)(DA)(DT)(DG)(DC)
(DA)(DA)(DG)(DC)(DT)(DT)(DG)(DG)
;
I
6 'polydeoxyribonucleotide'
;(DC)(DC)(DA)(DA)(DG)(DC)(DT)(DT)(DG)(DC)(DA)(DT)(DG)(DC)(DC)(DT)(DG)(DC)(DA)(DG)
(DG)(DT)(DC)(DG)(DA)(DC)(DT)(DC)(DT)(DA)(DG)(DA)(DG)(DA)(DT)(DA)(DT)(DC)(DC)(DC)
(DG)(DA)(DG)(DT)(DC)(DG)(DC)(DT)(DG)(DT)(DT)(DC)(DA)(DA)(DT)(DA)(DA)(DA)(DT)(DA)
(DC)(DA)(DC)(DA)(DG)(DG)(DA)(DT)(DG)(DT)(DA)(DT)(DA)(DT)(DA)(DT)(DC)(DT)(DG)(DA)
(DC)(DA)(DC)(DG)(DT)(DG)(DC)(DC)(DT)(DG)(DG)(DA)(DG)(DA)(DT)(DT)(DA)(DG)(DG)(DG)
(DA)(DG)(DT)(DA)(DA)(DT)(DC)(DC)(DC)(DC)(DT)(DT)(DG)(DG)(DC)(DG)(DG)(DT)(DT)(DA)
(DA)(DA)(DA)(DC)(DG)(DC)(DG)(DG)(DG)(DG)(DG)(DA)(DC)(DA)(DG)(DC)(DG)(DC)(DG)(DT)
(DA)(DC)(DG)(DT)(DG)(DC)(DG)(DT)(DT)(DT)(DA)(DA)(DG)(DC)(DG)(DG)(DT)(DG)(DC)(DT)
(DA)(DG)(DA)(DG)(DC)(DT)(DG)(DT)(DC)(DT)(DA)(DC)(DG)(DA)(DC)(DC)(DA)(DA)(DT)(DT)
(DG)(DA)(DG)(DC)(DG)(DG)(DC)(DC)(DT)(DC)(DG)(DG)(DC)(DA)(DC)(DC)(DG)(DG)(DG)(DA)
(DT)(DT)(DC)(DT)(DC)(DC)(DA)(DG)(DG)(DT)(DC)(DC)(DG)(DC)(DC)(DG)(DC)(DG)(DT)(DA)
(DT)(DA)(DG)(DG)(DG)(DT)(DC)(DC)(DA)(DT)(DC)(DA)(DC)(DA)(DT)(DA)(DA)(DG)(DC)(DC)
(DC)(DG)(DA)(DG)(DA)(DT)(DA)(DT)
;
J
7 'polypeptide(L)'
;GPDSMTMGDKKSPTRPKRQAKPAADEGFWDCSVCTFRNSAEAFKCSICDVRKGTSTRKPRINSQLVAQQVAQQYATPPPP
KKEKKEKVEKQDKEKPEKDKEISPSVTKKNTNKKTKPKSDILKDPPSEANSIQSANATTKTSETNHTSRPRLKNVDRSTA
QQLAVTVGNVTVIITDFKEKTRSSSTSSSTVTSSAGSEQQNQSSSGSESTDKGSSRSSTPKGDMSAVNDESF
;
K
8 'polypeptide(L)' MQIFVKTLTGKTITLEVEPSDTIENVKAKIQDKEGIPPDQQRLIFAGKQLEDGRTLSDYNIQKESTLHLVLRL M
#
loop_
_chem_comp.id
_chem_comp.type
_chem_comp.name
_chem_comp.formula
DA DNA linking 2'-DEOXYADENOSINE-5'-MONOPHOSPHATE 'C10 H14 N5 O6 P'
DC DNA linking 2'-DEOXYCYTIDINE-5'-MONOPHOSPHATE 'C9 H14 N3 O7 P'
DG DNA linking 2'-DEOXYGUANOSINE-5'-MONOPHOSPHATE 'C10 H14 N5 O7 P'
DT DNA linking THYMIDINE-5'-MONOPHOSPHATE 'C10 H15 N2 O8 P'
ZN non-polymer 'ZINC ION' 'Zn 2'
#
# COMPACT_ATOMS: atom_id res chain seq x y z
N LYS A 36 37.75 2.74 44.30
CA LYS A 36 38.18 4.12 44.06
C LYS A 36 37.62 4.64 42.75
N LYS A 37 37.52 3.77 41.76
CA LYS A 37 37.03 4.16 40.44
C LYS A 37 35.51 4.25 40.47
N PRO A 38 34.92 5.40 40.16
CA PRO A 38 33.45 5.49 40.08
C PRO A 38 32.89 4.57 39.02
N HIS A 39 31.66 4.11 39.25
CA HIS A 39 31.01 3.18 38.34
C HIS A 39 30.83 3.81 36.96
N ARG A 40 31.18 3.05 35.93
CA ARG A 40 31.07 3.50 34.55
C ARG A 40 30.63 2.34 33.67
N TYR A 41 29.49 2.50 33.01
CA TYR A 41 28.97 1.47 32.13
C TYR A 41 29.81 1.36 30.87
N ARG A 42 29.95 0.14 30.36
CA ARG A 42 30.67 -0.06 29.12
C ARG A 42 29.89 0.53 27.96
N PRO A 43 30.55 1.07 26.94
CA PRO A 43 29.83 1.69 25.83
C PRO A 43 28.95 0.68 25.11
N GLY A 44 27.68 1.05 24.92
CA GLY A 44 26.70 0.19 24.29
C GLY A 44 25.65 -0.38 25.20
N THR A 45 25.60 0.02 26.47
CA THR A 45 24.61 -0.48 27.41
C THR A 45 23.54 0.55 27.76
N VAL A 46 23.92 1.82 27.91
CA VAL A 46 22.92 2.86 28.08
C VAL A 46 22.10 3.02 26.81
N ALA A 47 22.72 2.78 25.65
CA ALA A 47 22.00 2.88 24.39
C ALA A 47 20.87 1.87 24.29
N LEU A 48 21.12 0.62 24.69
CA LEU A 48 20.07 -0.39 24.66
C LEU A 48 18.96 -0.05 25.65
N ARG A 49 19.32 0.46 26.82
CA ARG A 49 18.31 0.89 27.79
C ARG A 49 17.44 1.99 27.20
N GLU A 50 18.05 2.97 26.54
CA GLU A 50 17.28 4.02 25.89
C GLU A 50 16.38 3.45 24.80
N ILE A 51 16.88 2.48 24.03
CA ILE A 51 16.08 1.87 22.98
C ILE A 51 14.83 1.24 23.57
N ARG A 52 15.00 0.46 24.63
CA ARG A 52 13.84 -0.18 25.26
C ARG A 52 12.88 0.85 25.83
N ARG A 53 13.42 1.87 26.51
CA ARG A 53 12.56 2.86 27.16
C ARG A 53 11.72 3.62 26.14
N TYR A 54 12.32 4.01 25.02
CA TYR A 54 11.56 4.75 24.02
C TYR A 54 10.74 3.85 23.12
N GLN A 55 11.02 2.55 23.09
CA GLN A 55 10.18 1.63 22.36
C GLN A 55 8.99 1.15 23.17
N LYS A 56 8.94 1.43 24.47
CA LYS A 56 7.74 1.12 25.23
C LYS A 56 6.80 2.32 25.43
N SER A 57 7.27 3.55 25.24
CA SER A 57 6.43 4.71 25.49
C SER A 57 5.76 5.21 24.21
N THR A 58 4.76 6.06 24.38
CA THR A 58 4.00 6.63 23.26
C THR A 58 3.81 8.12 23.45
N GLU A 59 4.86 8.83 23.83
CA GLU A 59 4.82 10.27 23.99
C GLU A 59 5.45 10.95 22.78
N LEU A 60 5.57 12.28 22.84
CA LEU A 60 6.14 13.06 21.75
C LEU A 60 7.58 13.39 22.10
N LEU A 61 8.51 13.06 21.19
CA LEU A 61 9.93 13.15 21.47
C LEU A 61 10.53 14.49 21.08
N ILE A 62 9.75 15.42 20.53
CA ILE A 62 10.23 16.73 20.14
C ILE A 62 9.53 17.78 20.99
N ARG A 63 10.28 18.79 21.44
CA ARG A 63 9.69 19.87 22.20
C ARG A 63 8.65 20.59 21.35
N LYS A 64 7.51 20.92 21.96
CA LYS A 64 6.37 21.42 21.22
C LYS A 64 6.62 22.82 20.68
N LEU A 65 7.17 23.71 21.49
CA LEU A 65 7.31 25.11 21.09
C LEU A 65 8.25 25.29 19.89
N PRO A 66 9.47 24.74 19.88
CA PRO A 66 10.29 24.88 18.67
C PRO A 66 9.67 24.28 17.42
N PHE A 67 8.98 23.15 17.54
CA PHE A 67 8.34 22.57 16.35
C PHE A 67 7.22 23.47 15.84
N GLN A 68 6.46 24.06 16.76
CA GLN A 68 5.41 25.00 16.34
C GLN A 68 6.01 26.20 15.63
N ARG A 69 7.13 26.71 16.14
CA ARG A 69 7.78 27.84 15.47
C ARG A 69 8.29 27.45 14.09
N LEU A 70 8.83 26.24 13.95
CA LEU A 70 9.25 25.78 12.64
C LEU A 70 8.08 25.68 11.68
N VAL A 71 6.95 25.17 12.15
CA VAL A 71 5.76 25.05 11.31
C VAL A 71 5.32 26.44 10.84
N ARG A 72 5.30 27.42 11.75
CA ARG A 72 4.91 28.77 11.36
C ARG A 72 5.90 29.38 10.38
N GLU A 73 7.20 29.08 10.53
CA GLU A 73 8.17 29.61 9.57
C GLU A 73 7.97 29.02 8.18
N ILE A 74 7.76 27.70 8.10
CA ILE A 74 7.59 27.08 6.78
C ILE A 74 6.34 27.60 6.10
N ALA A 75 5.23 27.71 6.83
CA ALA A 75 3.98 28.14 6.24
C ALA A 75 3.98 29.62 5.86
N GLN A 76 4.97 30.39 6.32
CA GLN A 76 4.99 31.81 6.01
C GLN A 76 5.26 32.04 4.53
N ASP A 77 6.01 31.15 3.89
CA ASP A 77 6.43 31.34 2.50
C ASP A 77 5.28 31.18 1.52
N PHE A 78 4.12 30.72 1.96
CA PHE A 78 2.97 30.49 1.09
C PHE A 78 1.87 31.53 1.26
N LYS A 79 1.56 31.93 2.48
CA LYS A 79 0.53 32.93 2.72
C LYS A 79 0.91 33.77 3.92
N THR A 80 0.68 35.07 3.82
CA THR A 80 1.06 36.00 4.88
C THR A 80 -0.05 36.09 5.92
N ASP A 81 0.34 36.10 7.19
CA ASP A 81 -0.59 36.23 8.32
C ASP A 81 -1.61 35.09 8.33
N LEU A 82 -1.10 33.88 8.51
CA LEU A 82 -1.93 32.70 8.66
C LEU A 82 -2.21 32.44 10.13
N ARG A 83 -3.19 31.56 10.39
CA ARG A 83 -3.53 31.17 11.74
C ARG A 83 -3.72 29.66 11.78
N PHE A 84 -3.34 29.06 12.90
CA PHE A 84 -3.31 27.62 13.05
C PHE A 84 -4.15 27.19 14.24
N GLN A 85 -4.93 26.13 14.05
CA GLN A 85 -5.57 25.47 15.18
C GLN A 85 -4.59 24.56 15.88
N SER A 86 -4.75 24.42 17.19
CA SER A 86 -3.85 23.56 17.96
C SER A 86 -3.87 22.13 17.43
N SER A 87 -5.03 21.64 17.03
CA SER A 87 -5.12 20.30 16.45
C SER A 87 -4.29 20.21 15.18
N ALA A 88 -4.20 21.30 14.41
CA ALA A 88 -3.39 21.27 13.19
C ALA A 88 -1.93 21.01 13.50
N VAL A 89 -1.38 21.77 14.45
CA VAL A 89 0.03 21.61 14.83
C VAL A 89 0.27 20.23 15.41
N MET A 90 -0.66 19.75 16.24
CA MET A 90 -0.51 18.42 16.83
C MET A 90 -0.51 17.33 15.75
N ALA A 91 -1.42 17.42 14.78
CA ALA A 91 -1.46 16.43 13.72
C ALA A 91 -0.19 16.45 12.88
N LEU A 92 0.30 17.66 12.57
CA LEU A 92 1.56 17.77 11.83
C LEU A 92 2.70 17.10 12.59
N GLN A 93 2.80 17.37 13.89
CA GLN A 93 3.88 16.81 14.68
C GLN A 93 3.80 15.29 14.75
N GLU A 94 2.61 14.75 14.97
CA GLU A 94 2.47 13.30 15.05
C GLU A 94 2.86 12.64 13.73
N ALA A 95 2.39 13.19 12.61
CA ALA A 95 2.72 12.61 11.31
C ALA A 95 4.21 12.70 11.03
N SER A 96 4.83 13.84 11.33
CA SER A 96 6.26 14.00 11.07
C SER A 96 7.09 13.03 11.89
N GLU A 97 6.73 12.84 13.16
CA GLU A 97 7.49 11.90 13.99
C GLU A 97 7.31 10.46 13.51
N ALA A 98 6.09 10.09 13.10
CA ALA A 98 5.90 8.75 12.55
C ALA A 98 6.77 8.54 11.31
N TYR A 99 6.81 9.53 10.42
CA TYR A 99 7.63 9.42 9.21
C TYR A 99 9.11 9.28 9.55
N LEU A 100 9.60 10.06 10.51
CA LEU A 100 11.01 9.98 10.88
C LEU A 100 11.34 8.62 11.50
N VAL A 101 10.45 8.09 12.33
CA VAL A 101 10.72 6.79 12.95
C VAL A 101 10.78 5.70 11.88
N GLY A 102 9.87 5.74 10.91
CA GLY A 102 9.94 4.76 9.82
C GLY A 102 11.21 4.87 9.01
N LEU A 103 11.63 6.12 8.71
CA LEU A 103 12.87 6.31 7.97
C LEU A 103 14.06 5.76 8.75
N PHE A 104 14.10 5.97 10.06
CA PHE A 104 15.22 5.45 10.85
C PHE A 104 15.21 3.92 10.90
N GLU A 105 14.03 3.31 10.94
CA GLU A 105 13.96 1.85 10.87
C GLU A 105 14.59 1.34 9.57
N ASP A 106 14.21 1.95 8.45
CA ASP A 106 14.77 1.51 7.16
C ASP A 106 16.27 1.78 7.10
N THR A 107 16.72 2.92 7.66
CA THR A 107 18.14 3.23 7.69
C THR A 107 18.92 2.20 8.49
N ASN A 108 18.37 1.76 9.62
CA ASN A 108 19.05 0.73 10.41
C ASN A 108 19.17 -0.56 9.63
N LEU A 109 18.10 -0.94 8.90
CA LEU A 109 18.20 -2.14 8.06
C LEU A 109 19.30 -2.00 7.02
N CYS A 110 19.38 -0.83 6.37
CA CYS A 110 20.39 -0.62 5.35
C CYS A 110 21.80 -0.67 5.94
N ALA A 111 22.00 -0.08 7.12
CA ALA A 111 23.31 -0.12 7.76
C ALA A 111 23.70 -1.54 8.15
N ILE A 112 22.76 -2.31 8.69
CA ILE A 112 23.07 -3.68 9.05
C ILE A 112 23.37 -4.51 7.80
N HIS A 113 22.78 -4.14 6.65
CA HIS A 113 23.06 -4.89 5.43
C HIS A 113 24.53 -4.84 5.05
N ALA A 114 25.18 -3.69 5.23
CA ALA A 114 26.57 -3.50 4.87
C ALA A 114 27.54 -3.95 5.94
N LYS A 115 27.12 -4.82 6.86
CA LYS A 115 27.99 -5.37 7.90
C LYS A 115 28.53 -4.26 8.81
N ARG A 116 27.62 -3.48 9.37
CA ARG A 116 27.96 -2.37 10.23
C ARG A 116 26.95 -2.29 11.37
N VAL A 117 27.20 -1.37 12.30
CA VAL A 117 26.28 -1.14 13.41
C VAL A 117 25.92 0.35 13.42
N THR A 118 26.80 1.19 12.89
CA THR A 118 26.60 2.62 12.87
C THR A 118 25.91 3.05 11.57
N ILE A 119 24.93 3.94 11.69
CA ILE A 119 24.22 4.46 10.53
C ILE A 119 24.91 5.72 10.05
N MET A 120 24.96 5.89 8.74
CA MET A 120 25.62 7.00 8.07
C MET A 120 24.68 7.56 7.02
N PRO A 121 24.94 8.78 6.53
CA PRO A 121 24.06 9.37 5.51
C PRO A 121 23.89 8.52 4.26
N LYS A 122 24.85 7.65 3.94
CA LYS A 122 24.68 6.75 2.80
C LYS A 122 23.45 5.87 2.98
N ASP A 123 23.22 5.37 4.20
CA ASP A 123 22.06 4.52 4.44
C ASP A 123 20.75 5.28 4.27
N ILE A 124 20.70 6.52 4.77
CA ILE A 124 19.50 7.33 4.59
C ILE A 124 19.23 7.56 3.11
N GLN A 125 20.28 7.89 2.35
CA GLN A 125 20.10 8.15 0.93
C GLN A 125 19.66 6.89 0.19
N LEU A 126 20.23 5.74 0.53
CA LEU A 126 19.82 4.50 -0.13
C LEU A 126 18.38 4.15 0.20
N ALA A 127 17.97 4.37 1.46
CA ALA A 127 16.59 4.11 1.84
C ALA A 127 15.62 5.02 1.08
N ARG A 128 15.95 6.30 0.98
CA ARG A 128 15.09 7.24 0.28
C ARG A 128 15.08 6.98 -1.23
N ARG A 129 16.16 6.41 -1.77
CA ARG A 129 16.18 6.05 -3.18
C ARG A 129 15.34 4.82 -3.46
N ILE A 130 15.43 3.80 -2.60
CA ILE A 130 14.66 2.58 -2.82
C ILE A 130 13.17 2.83 -2.60
N ARG A 131 12.83 3.59 -1.55
CA ARG A 131 11.42 3.88 -1.27
C ARG A 131 10.75 4.58 -2.44
N GLY A 132 11.50 5.38 -3.19
CA GLY A 132 10.95 6.10 -4.32
C GLY A 132 10.64 7.55 -4.01
N GLU A 133 11.56 8.24 -3.36
CA GLU A 133 11.37 9.64 -3.00
C GLU A 133 12.34 10.55 -3.75
N LEU B 24 10.59 34.47 13.60
CA LEU B 24 10.62 33.44 12.56
C LEU B 24 11.73 33.69 11.56
N ARG B 25 12.97 33.48 11.98
CA ARG B 25 14.15 33.66 11.13
C ARG B 25 14.87 32.35 10.84
N ASP B 26 15.23 31.60 11.88
CA ASP B 26 15.92 30.32 11.70
C ASP B 26 15.56 29.43 12.89
N ASN B 27 14.53 28.60 12.71
CA ASN B 27 14.10 27.68 13.75
C ASN B 27 14.28 26.21 13.39
N ILE B 28 14.80 25.90 12.20
CA ILE B 28 15.08 24.51 11.88
C ILE B 28 16.09 23.92 12.85
N GLN B 29 16.97 24.76 13.41
CA GLN B 29 17.90 24.32 14.43
C GLN B 29 17.23 23.95 15.74
N GLY B 30 15.95 24.29 15.91
CA GLY B 30 15.23 23.93 17.12
C GLY B 30 15.02 22.44 17.29
N ILE B 31 15.13 21.67 16.21
CA ILE B 31 15.12 20.21 16.31
C ILE B 31 16.51 19.80 16.74
N THR B 32 16.72 19.72 18.05
CA THR B 32 18.05 19.60 18.65
C THR B 32 18.60 18.19 18.49
N LYS B 33 19.89 18.07 18.75
CA LYS B 33 20.57 16.77 18.66
C LYS B 33 19.98 15.72 19.58
N PRO B 34 19.70 15.99 20.86
CA PRO B 34 19.05 14.95 21.68
C PRO B 34 17.70 14.49 21.15
N ALA B 35 16.92 15.39 20.54
CA ALA B 35 15.63 14.97 19.99
C ALA B 35 15.81 13.98 18.84
N ILE B 36 16.74 14.26 17.93
CA ILE B 36 17.01 13.33 16.84
C ILE B 36 17.54 12.01 17.38
N ARG B 37 18.36 12.08 18.43
CA ARG B 37 18.86 10.86 19.05
C ARG B 37 17.71 10.03 19.64
N ARG B 38 16.76 10.69 20.30
CA ARG B 38 15.60 9.99 20.87
C ARG B 38 14.76 9.35 19.78
N LEU B 39 14.54 10.07 18.67
CA LEU B 39 13.76 9.52 17.57
C LEU B 39 14.46 8.31 16.96
N ALA B 40 15.79 8.39 16.82
CA ALA B 40 16.55 7.25 16.34
C ALA B 40 16.46 6.07 17.30
N ARG B 41 16.49 6.34 18.60
CA ARG B 41 16.36 5.28 19.59
C ARG B 41 15.03 4.57 19.48
N ARG B 42 13.94 5.34 19.37
CA ARG B 42 12.64 4.72 19.12
C ARG B 42 12.64 3.95 17.81
N GLY B 43 13.46 4.38 16.84
CA GLY B 43 13.60 3.63 15.61
C GLY B 43 14.44 2.36 15.71
N GLY B 44 15.17 2.17 16.80
CA GLY B 44 15.94 0.97 17.00
C GLY B 44 17.43 1.08 16.71
N VAL B 45 17.96 2.28 16.59
CA VAL B 45 19.34 2.49 16.17
C VAL B 45 20.24 2.60 17.39
N LYS B 46 21.34 1.85 17.38
CA LYS B 46 22.24 1.76 18.52
C LYS B 46 23.36 2.81 18.47
N ARG B 47 24.01 2.96 17.32
CA ARG B 47 25.10 3.90 17.15
C ARG B 47 24.76 4.87 16.03
N ILE B 48 25.06 6.15 16.27
CA ILE B 48 24.69 7.22 15.33
C ILE B 48 25.94 8.03 15.00
N SER B 49 26.19 8.22 13.71
CA SER B 49 27.31 9.04 13.29
C SER B 49 26.99 10.52 13.43
N GLY B 50 28.03 11.33 13.42
CA GLY B 50 27.89 12.76 13.66
C GLY B 50 27.34 13.57 12.51
N LEU B 51 27.18 12.96 11.33
CA LEU B 51 26.66 13.63 10.15
C LEU B 51 25.20 13.34 9.89
N ILE B 52 24.52 12.65 10.80
CA ILE B 52 23.12 12.27 10.60
C ILE B 52 22.17 13.43 10.85
N TYR B 53 22.57 14.40 11.66
CA TYR B 53 21.64 15.44 12.10
C TYR B 53 21.25 16.37 10.96
N GLU B 54 22.21 16.79 10.12
CA GLU B 54 21.88 17.62 8.97
C GLU B 54 20.97 16.89 8.00
N GLU B 55 21.24 15.61 7.75
CA GLU B 55 20.40 14.84 6.85
C GLU B 55 18.97 14.75 7.37
N THR B 56 18.82 14.47 8.67
CA THR B 56 17.49 14.40 9.26
C THR B 56 16.78 15.73 9.18
N ARG B 57 17.50 16.83 9.42
CA ARG B 57 16.89 18.15 9.34
C ARG B 57 16.39 18.44 7.93
N GLY B 58 17.19 18.11 6.91
CA GLY B 58 16.76 18.32 5.55
C GLY B 58 15.54 17.49 5.18
N VAL B 59 15.54 16.22 5.58
CA VAL B 59 14.41 15.35 5.24
C VAL B 59 13.13 15.86 5.90
N LEU B 60 13.22 16.24 7.19
CA LEU B 60 12.05 16.76 7.87
C LEU B 60 11.55 18.05 7.22
N LYS B 61 12.49 18.93 6.81
CA LYS B 61 12.08 20.17 6.18
C LYS B 61 11.32 19.91 4.88
N VAL B 62 11.80 18.96 4.07
CA VAL B 62 11.13 18.66 2.80
C VAL B 62 9.73 18.11 3.04
N PHE B 63 9.61 17.15 3.96
CA PHE B 63 8.31 16.56 4.27
C PHE B 63 7.33 17.63 4.74
N LEU B 64 7.77 18.50 5.65
CA LEU B 64 6.91 19.55 6.17
C LEU B 64 6.51 20.53 5.07
N GLU B 65 7.45 20.87 4.19
CA GLU B 65 7.13 21.78 3.09
C GLU B 65 6.00 21.24 2.24
N ASN B 66 6.09 19.96 1.87
CA ASN B 66 5.04 19.38 1.02
C ASN B 66 3.68 19.41 1.72
N VAL B 67 3.64 18.91 2.97
CA VAL B 67 2.35 18.78 3.64
C VAL B 67 1.74 20.16 3.88
N ILE B 68 2.54 21.13 4.30
CA ILE B 68 1.99 22.46 4.58
C ILE B 68 1.56 23.16 3.30
N ARG B 69 2.24 22.91 2.18
CA ARG B 69 1.78 23.47 0.91
C ARG B 69 0.38 22.97 0.58
N ASP B 70 0.17 21.65 0.69
CA ASP B 70 -1.16 21.12 0.41
C ASP B 70 -2.21 21.67 1.38
N ALA B 71 -1.86 21.77 2.67
CA ALA B 71 -2.81 22.25 3.66
C ALA B 71 -3.22 23.69 3.39
N VAL B 72 -2.25 24.55 3.04
CA VAL B 72 -2.61 25.93 2.75
C VAL B 72 -3.38 26.05 1.45
N THR B 73 -3.13 25.15 0.48
CA THR B 73 -3.95 25.14 -0.72
C THR B 73 -5.43 24.89 -0.38
N TYR B 74 -5.69 23.84 0.42
CA TYR B 74 -7.06 23.60 0.87
C TYR B 74 -7.61 24.79 1.64
N THR B 75 -6.81 25.38 2.53
CA THR B 75 -7.29 26.51 3.33
C THR B 75 -7.70 27.68 2.45
N GLU B 76 -6.86 28.01 1.46
CA GLU B 76 -7.15 29.14 0.58
C GLU B 76 -8.37 28.88 -0.28
N HIS B 77 -8.56 27.64 -0.75
CA HIS B 77 -9.72 27.36 -1.57
C HIS B 77 -11.01 27.58 -0.81
N ALA B 78 -11.05 27.19 0.46
CA ALA B 78 -12.24 27.34 1.29
C ALA B 78 -12.48 28.77 1.74
N LYS B 79 -11.65 29.72 1.28
CA LYS B 79 -11.81 31.14 1.57
C LYS B 79 -11.64 31.45 3.06
N ARG B 80 -10.83 30.65 3.75
CA ARG B 80 -10.61 30.80 5.17
C ARG B 80 -9.28 31.51 5.42
N LYS B 81 -8.99 31.76 6.71
CA LYS B 81 -7.71 32.31 7.12
C LYS B 81 -7.08 31.50 8.24
N THR B 82 -7.64 30.34 8.58
CA THR B 82 -7.14 29.49 9.65
C THR B 82 -6.99 28.09 9.11
N VAL B 83 -5.82 27.49 9.32
CA VAL B 83 -5.58 26.12 8.91
C VAL B 83 -6.14 25.20 9.99
N THR B 84 -7.12 24.38 9.63
CA THR B 84 -7.79 23.52 10.58
C THR B 84 -7.14 22.14 10.58
N ALA B 85 -7.63 21.26 11.45
CA ALA B 85 -7.13 19.90 11.50
C ALA B 85 -7.53 19.12 10.26
N MET B 86 -8.72 19.39 9.73
CA MET B 86 -9.18 18.69 8.54
C MET B 86 -8.32 19.01 7.33
N ASP B 87 -7.81 20.24 7.22
CA ASP B 87 -6.90 20.58 6.13
C ASP B 87 -5.66 19.69 6.16
N VAL B 88 -5.06 19.54 7.34
CA VAL B 88 -3.86 18.73 7.47
C VAL B 88 -4.19 17.26 7.21
N VAL B 89 -5.32 16.78 7.72
CA VAL B 89 -5.69 15.39 7.49
C VAL B 89 -5.87 15.12 6.01
N TYR B 90 -6.53 16.03 5.29
CA TYR B 90 -6.74 15.85 3.86
C TYR B 90 -5.42 15.94 3.08
N ALA B 91 -4.56 16.87 3.48
CA ALA B 91 -3.26 16.98 2.82
C ALA B 91 -2.45 15.71 2.96
N LEU B 92 -2.46 15.11 4.16
CA LEU B 92 -1.79 13.84 4.35
C LEU B 92 -2.50 12.70 3.62
N LYS B 93 -3.83 12.77 3.52
CA LYS B 93 -4.59 11.71 2.86
C LYS B 93 -4.25 11.64 1.38
N ARG B 94 -4.14 12.79 0.73
CA ARG B 94 -3.80 12.81 -0.69
C ARG B 94 -2.37 12.36 -0.93
N GLN B 95 -1.49 12.55 0.05
CA GLN B 95 -0.09 12.16 -0.08
C GLN B 95 0.16 10.68 0.18
N GLY B 96 -0.87 9.93 0.53
CA GLY B 96 -0.73 8.50 0.76
C GLY B 96 -0.49 8.09 2.19
N ARG B 97 -0.51 9.02 3.15
CA ARG B 97 -0.28 8.74 4.55
C ARG B 97 -1.48 9.22 5.36
N THR B 98 -2.52 8.39 5.45
CA THR B 98 -3.70 8.76 6.21
C THR B 98 -3.42 8.73 7.71
N LEU B 99 -4.13 9.59 8.44
CA LEU B 99 -3.93 9.74 9.88
C LEU B 99 -5.25 9.50 10.62
N TYR B 100 -5.22 8.59 11.59
CA TYR B 100 -6.37 8.30 12.44
C TYR B 100 -6.23 9.01 13.77
N GLY B 101 -7.31 9.62 14.23
CA GLY B 101 -7.34 10.26 15.52
C GLY B 101 -7.51 11.76 15.54
N PHE B 102 -7.94 12.38 14.44
CA PHE B 102 -8.18 13.82 14.42
C PHE B 102 -9.45 14.19 13.66
N GLY B 103 -10.25 13.22 13.24
CA GLY B 103 -11.46 13.49 12.50
C GLY B 103 -11.44 12.82 11.14
N GLY B 104 -12.57 12.94 10.45
CA GLY B 104 -12.72 12.34 9.13
C GLY B 104 -13.06 10.86 9.17
N LYS C 12 -26.23 27.69 -38.70
CA LYS C 12 -25.89 28.86 -37.91
C LYS C 12 -25.52 28.46 -36.48
N ALA C 13 -24.69 27.43 -36.35
CA ALA C 13 -24.24 26.94 -35.05
C ALA C 13 -22.73 26.91 -35.02
N LYS C 14 -22.16 27.47 -33.96
CA LYS C 14 -20.71 27.49 -33.76
C LYS C 14 -20.36 26.58 -32.59
N SER C 15 -19.43 25.67 -32.82
CA SER C 15 -19.01 24.75 -31.77
C SER C 15 -18.34 25.52 -30.63
N ARG C 16 -18.54 25.04 -29.41
CA ARG C 16 -17.94 25.68 -28.25
C ARG C 16 -16.43 25.54 -28.25
N SER C 17 -15.92 24.43 -28.81
CA SER C 17 -14.47 24.25 -28.91
C SER C 17 -13.84 25.37 -29.74
N ASN C 18 -14.47 25.72 -30.86
CA ASN C 18 -13.96 26.79 -31.70
C ASN C 18 -13.99 28.12 -30.97
N ARG C 19 -15.07 28.39 -30.24
CA ARG C 19 -15.19 29.64 -29.50
C ARG C 19 -14.13 29.77 -28.42
N ALA C 20 -13.85 28.66 -27.71
CA ALA C 20 -12.84 28.70 -26.66
C ALA C 20 -11.42 28.80 -27.20
N GLY C 21 -11.23 28.65 -28.51
CA GLY C 21 -9.89 28.64 -29.08
C GLY C 21 -9.13 27.36 -28.86
N LEU C 22 -9.83 26.24 -28.80
CA LEU C 22 -9.25 24.96 -28.41
C LEU C 22 -9.46 23.93 -29.52
N GLN C 23 -8.56 22.94 -29.55
CA GLN C 23 -8.70 21.82 -30.47
C GLN C 23 -9.35 20.60 -29.84
N PHE C 24 -9.36 20.51 -28.52
CA PHE C 24 -10.00 19.41 -27.80
C PHE C 24 -11.50 19.68 -27.67
N PRO C 25 -12.32 18.63 -27.69
CA PRO C 25 -13.77 18.83 -27.61
C PRO C 25 -14.18 19.39 -26.26
N VAL C 26 -15.30 20.12 -26.25
CA VAL C 26 -15.83 20.71 -25.04
C VAL C 26 -17.18 20.11 -24.67
N GLY C 27 -18.06 19.92 -25.66
CA GLY C 27 -19.34 19.30 -25.37
C GLY C 27 -19.21 17.86 -24.91
N ARG C 28 -18.27 17.12 -25.52
CA ARG C 28 -18.05 15.74 -25.11
C ARG C 28 -17.55 15.66 -23.67
N ILE C 29 -16.65 16.56 -23.28
CA ILE C 29 -16.15 16.58 -21.91
C ILE C 29 -17.24 17.02 -20.96
N HIS C 30 -18.10 17.95 -21.38
CA HIS C 30 -19.25 18.33 -20.55
C HIS C 30 -20.16 17.13 -20.31
N ARG C 31 -20.43 16.35 -21.36
CA ARG C 31 -21.24 15.14 -21.18
C ARG C 31 -20.56 14.15 -20.25
N LEU C 32 -19.26 13.95 -20.41
CA LEU C 32 -18.56 12.99 -19.58
C LEU C 32 -18.58 13.39 -18.11
N LEU C 33 -18.41 14.69 -17.83
CA LEU C 33 -18.55 15.17 -16.46
C LEU C 33 -19.97 14.98 -15.94
N ARG C 34 -20.97 15.27 -16.78
CA ARG C 34 -22.36 15.19 -16.32
C ARG C 34 -22.77 13.77 -15.96
N LYS C 35 -22.35 12.79 -16.76
CA LYS C 35 -22.72 11.40 -16.53
C LYS C 35 -21.69 10.64 -15.71
N GLY C 36 -20.64 11.29 -15.25
CA GLY C 36 -19.57 10.58 -14.57
C GLY C 36 -19.69 10.49 -13.07
N ASN C 37 -20.80 10.94 -12.48
CA ASN C 37 -21.03 10.87 -11.04
C ASN C 37 -19.92 11.62 -10.27
N TYR C 38 -19.84 12.92 -10.53
CA TYR C 38 -18.89 13.77 -9.85
C TYR C 38 -19.53 14.86 -9.01
N ALA C 39 -20.77 15.23 -9.30
CA ALA C 39 -21.52 16.20 -8.51
C ALA C 39 -22.96 16.16 -9.02
N GLU C 40 -23.82 16.96 -8.39
CA GLU C 40 -25.18 17.12 -8.86
C GLU C 40 -25.30 18.17 -9.96
N ARG C 41 -24.27 18.99 -10.16
CA ARG C 41 -24.29 20.06 -11.13
C ARG C 41 -22.90 20.23 -11.73
N VAL C 42 -22.85 20.76 -12.95
CA VAL C 42 -21.59 21.04 -13.61
C VAL C 42 -21.66 22.46 -14.14
N GLY C 43 -20.69 23.29 -13.76
CA GLY C 43 -20.69 24.68 -14.16
C GLY C 43 -20.45 24.85 -15.64
N ALA C 44 -20.33 26.10 -16.04
CA ALA C 44 -20.15 26.45 -17.45
C ALA C 44 -18.70 26.37 -17.88
N GLY C 45 -17.80 27.01 -17.14
CA GLY C 45 -16.40 27.06 -17.50
C GLY C 45 -15.59 25.85 -17.09
N ALA C 46 -16.18 24.92 -16.36
CA ALA C 46 -15.43 23.74 -15.93
C ALA C 46 -14.97 22.88 -17.11
N PRO C 47 -15.83 22.49 -18.06
CA PRO C 47 -15.32 21.72 -19.21
C PRO C 47 -14.31 22.49 -20.03
N VAL C 48 -14.46 23.81 -20.15
CA VAL C 48 -13.51 24.60 -20.93
C VAL C 48 -12.14 24.58 -20.27
N TYR C 49 -12.09 24.80 -18.96
CA TYR C 49 -10.84 24.75 -18.23
C TYR C 49 -10.19 23.37 -18.33
N LEU C 50 -10.98 22.33 -18.13
CA LEU C 50 -10.44 20.97 -18.18
C LEU C 50 -9.88 20.64 -19.56
N ALA C 51 -10.63 20.98 -20.61
CA ALA C 51 -10.17 20.71 -21.97
C ALA C 51 -8.89 21.47 -22.28
N ALA C 52 -8.81 22.73 -21.85
CA ALA C 52 -7.59 23.50 -22.09
C ALA C 52 -6.39 22.86 -21.41
N VAL C 53 -6.54 22.41 -20.17
CA VAL C 53 -5.43 21.80 -19.45
C VAL C 53 -4.98 20.52 -20.15
N MET C 54 -5.93 19.66 -20.51
CA MET C 54 -5.58 18.42 -21.19
C MET C 54 -4.88 18.67 -22.51
N GLU C 55 -5.37 19.67 -23.26
CA GLU C 55 -4.73 20.00 -24.53
C GLU C 55 -3.30 20.47 -24.34
N TYR C 56 -3.07 21.30 -23.32
CA TYR C 56 -1.71 21.77 -23.06
C TYR C 56 -0.77 20.61 -22.72
N LEU C 57 -1.23 19.68 -21.87
CA LEU C 57 -0.37 18.56 -21.50
C LEU C 57 -0.05 17.69 -22.72
N ALA C 58 -1.06 17.40 -23.54
CA ALA C 58 -0.82 16.59 -24.73
C ALA C 58 0.12 17.30 -25.69
N ALA C 59 -0.02 18.62 -25.84
CA ALA C 59 0.86 19.39 -26.73
C ALA C 59 2.30 19.32 -26.24
N GLU C 60 2.52 19.46 -24.94
CA GLU C 60 3.87 19.37 -24.40
C GLU C 60 4.49 18.02 -24.72
N VAL C 61 3.77 16.94 -24.42
CA VAL C 61 4.33 15.60 -24.62
C VAL C 61 4.60 15.35 -26.10
N LEU C 62 3.66 15.76 -26.97
CA LEU C 62 3.84 15.53 -28.40
C LEU C 62 5.01 16.33 -28.96
N GLU C 63 5.19 17.58 -28.50
CA GLU C 63 6.33 18.35 -28.96
C GLU C 63 7.64 17.67 -28.59
N LEU C 64 7.76 17.23 -27.33
CA LEU C 64 9.00 16.56 -26.93
C LEU C 64 9.24 15.28 -27.73
N ALA C 65 8.20 14.47 -27.91
CA ALA C 65 8.36 13.22 -28.64
C ALA C 65 8.71 13.47 -30.10
N GLY C 66 8.10 14.48 -30.72
CA GLY C 66 8.42 14.80 -32.11
C GLY C 66 9.85 15.27 -32.26
N ASN C 67 10.34 16.07 -31.33
CA ASN C 67 11.75 16.44 -31.34
C ASN C 67 12.63 15.20 -31.20
N ALA C 68 12.24 14.27 -30.33
CA ALA C 68 13.05 13.06 -30.15
C ALA C 68 13.10 12.22 -31.43
N ALA C 69 11.98 12.05 -32.10
CA ALA C 69 11.95 11.23 -33.31
C ALA C 69 12.73 11.85 -34.44
N ARG C 70 12.62 13.18 -34.62
CA ARG C 70 13.33 13.85 -35.70
C ARG C 70 14.84 13.71 -35.53
N ASP C 71 15.33 13.88 -34.30
CA ASP C 71 16.75 13.75 -34.03
C ASP C 71 17.23 12.32 -34.25
N ASN C 72 16.33 11.35 -34.23
CA ASN C 72 16.64 9.94 -34.44
C ASN C 72 16.50 9.55 -35.92
N LYS C 73 16.28 10.51 -36.81
CA LYS C 73 16.11 10.27 -38.24
C LYS C 73 14.92 9.35 -38.51
N LYS C 74 13.75 9.81 -38.05
CA LYS C 74 12.50 9.12 -38.30
C LYS C 74 11.44 10.13 -38.75
N THR C 75 10.31 9.61 -39.20
CA THR C 75 9.14 10.41 -39.52
C THR C 75 8.00 10.19 -38.54
N ARG C 76 7.79 8.96 -38.10
CA ARG C 76 6.70 8.62 -37.20
C ARG C 76 7.19 8.59 -35.76
N ILE C 77 6.23 8.57 -34.83
CA ILE C 77 6.50 8.52 -33.39
C ILE C 77 6.16 7.12 -32.88
N ILE C 78 7.08 6.54 -32.13
CA ILE C 78 6.92 5.20 -31.58
C ILE C 78 6.96 5.31 -30.06
N PRO C 79 6.52 4.29 -29.34
CA PRO C 79 6.52 4.38 -27.86
C PRO C 79 7.89 4.62 -27.25
N ARG C 80 8.97 4.22 -27.92
CA ARG C 80 10.31 4.46 -27.39
C ARG C 80 10.57 5.95 -27.21
N HIS C 81 10.16 6.77 -28.18
CA HIS C 81 10.36 8.21 -28.07
C HIS C 81 9.56 8.79 -26.91
N LEU C 82 8.32 8.32 -26.72
CA LEU C 82 7.52 8.78 -25.60
C LEU C 82 8.17 8.44 -24.28
N GLN C 83 8.67 7.21 -24.14
CA GLN C 83 9.34 6.81 -22.90
C GLN C 83 10.58 7.67 -22.64
N LEU C 84 11.38 7.91 -23.68
CA LEU C 84 12.58 8.74 -23.50
C LEU C 84 12.21 10.14 -23.04
N ALA C 85 11.27 10.79 -23.74
CA ALA C 85 10.92 12.16 -23.39
C ALA C 85 10.31 12.24 -22.00
N ILE C 86 9.46 11.28 -21.64
CA ILE C 86 8.81 11.31 -20.34
C ILE C 86 9.82 11.11 -19.22
N ARG C 87 10.69 10.11 -19.34
CA ARG C 87 11.61 9.81 -18.26
C ARG C 87 12.75 10.82 -18.15
N ASN C 88 13.07 11.55 -19.22
CA ASN C 88 14.16 12.51 -19.14
C ASN C 88 13.73 13.87 -18.58
N ASP C 89 12.43 14.10 -18.42
CA ASP C 89 11.90 15.36 -17.89
C ASP C 89 11.49 15.15 -16.45
N GLU C 90 11.97 16.03 -15.56
CA GLU C 90 11.73 15.82 -14.14
C GLU C 90 10.26 16.02 -13.78
N GLU C 91 9.62 17.07 -14.31
CA GLU C 91 8.22 17.32 -14.02
C GLU C 91 7.34 16.20 -14.54
N LEU C 92 7.57 15.77 -15.79
CA LEU C 92 6.77 14.70 -16.36
C LEU C 92 7.03 13.37 -15.68
N ASN C 93 8.28 13.12 -15.27
CA ASN C 93 8.59 11.90 -14.53
C ASN C 93 7.86 11.88 -13.20
N LYS C 94 7.83 13.02 -12.49
CA LYS C 94 7.08 13.10 -11.25
C LYS C 94 5.58 12.90 -11.49
N LEU C 95 5.05 13.51 -12.55
CA LEU C 95 3.62 13.38 -12.84
C LEU C 95 3.25 11.96 -13.26
N LEU C 96 4.20 11.21 -13.82
CA LEU C 96 3.96 9.86 -14.32
C LEU C 96 4.81 8.85 -13.58
N SER C 97 4.93 9.01 -12.26
CA SER C 97 5.82 8.16 -11.48
C SER C 97 5.29 6.75 -11.29
N GLY C 98 3.99 6.53 -11.51
CA GLY C 98 3.40 5.23 -11.32
C GLY C 98 2.98 4.49 -12.58
N VAL C 99 3.32 5.00 -13.76
CA VAL C 99 2.79 4.49 -15.02
C VAL C 99 3.90 3.76 -15.76
N THR C 100 3.54 2.65 -16.40
CA THR C 100 4.42 1.90 -17.27
C THR C 100 3.92 2.00 -18.70
N ILE C 101 4.85 2.14 -19.65
CA ILE C 101 4.54 2.27 -21.06
C ILE C 101 4.92 0.97 -21.76
N ALA C 102 3.97 0.36 -22.45
CA ALA C 102 4.24 -0.88 -23.16
C ALA C 102 5.22 -0.65 -24.30
N GLN C 103 6.16 -1.58 -24.45
CA GLN C 103 7.19 -1.51 -25.49
C GLN C 103 7.95 -0.18 -25.43
N GLY C 104 8.27 0.24 -24.21
CA GLY C 104 8.93 1.50 -24.01
C GLY C 104 10.42 1.40 -23.75
N GLY C 105 10.86 0.29 -23.15
CA GLY C 105 12.26 0.15 -22.80
C GLY C 105 12.61 0.97 -21.58
N VAL C 106 13.92 1.13 -21.35
CA VAL C 106 14.42 1.86 -20.20
C VAL C 106 15.49 2.84 -20.67
N LEU C 107 15.78 3.81 -19.81
CA LEU C 107 16.84 4.77 -20.10
C LEU C 107 18.20 4.09 -20.07
N PRO C 108 19.14 4.55 -20.89
CA PRO C 108 20.51 4.03 -20.78
C PRO C 108 21.20 4.54 -19.53
N ASN C 109 21.46 3.64 -18.58
CA ASN C 109 22.04 4.01 -17.30
C ASN C 109 22.86 2.83 -16.81
N ILE C 110 24.12 3.07 -16.47
CA ILE C 110 25.00 2.06 -15.92
C ILE C 110 25.83 2.70 -14.82
N GLN C 111 26.03 1.99 -13.72
CA GLN C 111 26.72 2.54 -12.57
C GLN C 111 28.21 2.73 -12.86
N ALA C 112 28.81 3.73 -12.19
CA ALA C 112 30.20 4.06 -12.45
C ALA C 112 31.15 2.96 -11.99
N VAL C 113 30.88 2.36 -10.84
CA VAL C 113 31.80 1.38 -10.27
C VAL C 113 31.84 0.07 -11.05
N LEU C 114 30.92 -0.12 -11.99
CA LEU C 114 30.89 -1.33 -12.80
C LEU C 114 31.73 -1.23 -14.07
N LEU C 115 32.27 -0.05 -14.37
CA LEU C 115 33.07 0.20 -15.57
C LEU C 115 34.55 -0.02 -15.28
N PRO C 116 35.27 -0.67 -16.21
CA PRO C 116 36.72 -0.88 -16.02
C PRO C 116 37.48 0.40 -16.33
N LYS C 117 38.15 0.94 -15.31
CA LYS C 117 38.95 2.15 -15.48
C LYS C 117 40.25 2.06 -14.68
N LYS D 30 -22.49 0.52 -33.04
CA LYS D 30 -21.31 0.09 -32.30
C LYS D 30 -20.21 1.13 -32.40
N ARG D 31 -20.61 2.40 -32.47
CA ARG D 31 -19.67 3.50 -32.64
C ARG D 31 -18.86 3.69 -31.36
N LYS D 32 -17.67 3.11 -31.32
CA LYS D 32 -16.71 3.44 -30.28
C LYS D 32 -16.12 4.82 -30.55
N GLU D 33 -15.60 5.44 -29.49
CA GLU D 33 -15.05 6.78 -29.61
C GLU D 33 -13.75 6.89 -28.82
N SER D 34 -12.89 7.79 -29.27
CA SER D 34 -11.60 8.04 -28.64
C SER D 34 -11.16 9.44 -29.00
N TYR D 35 -9.98 9.83 -28.51
CA TYR D 35 -9.45 11.17 -28.69
C TYR D 35 -8.49 11.28 -29.87
N ALA D 36 -8.53 10.32 -30.79
CA ALA D 36 -7.47 10.20 -31.79
C ALA D 36 -7.38 11.44 -32.67
N ILE D 37 -8.51 11.92 -33.18
CA ILE D 37 -8.46 13.01 -34.16
C ILE D 37 -7.96 14.30 -33.52
N TYR D 38 -8.33 14.55 -32.27
CA TYR D 38 -7.88 15.78 -31.61
C TYR D 38 -6.38 15.74 -31.32
N ILE D 39 -5.87 14.60 -30.88
CA ILE D 39 -4.44 14.47 -30.67
C ILE D 39 -3.70 14.62 -31.99
N TYR D 40 -4.25 14.06 -33.06
CA TYR D 40 -3.61 14.22 -34.37
C TYR D 40 -3.59 15.68 -34.80
N LYS D 41 -4.69 16.40 -34.58
CA LYS D 41 -4.73 17.82 -34.94
C LYS D 41 -3.73 18.62 -34.13
N VAL D 42 -3.60 18.34 -32.84
CA VAL D 42 -2.60 19.05 -32.02
C VAL D 42 -1.20 18.75 -32.53
N LEU D 43 -0.93 17.47 -32.84
CA LEU D 43 0.38 17.10 -33.36
C LEU D 43 0.71 17.84 -34.64
N LYS D 44 -0.25 17.87 -35.58
CA LYS D 44 -0.01 18.59 -36.82
C LYS D 44 0.10 20.09 -36.60
N GLN D 45 -0.51 20.60 -35.53
CA GLN D 45 -0.35 22.01 -35.18
C GLN D 45 1.06 22.29 -34.71
N VAL D 46 1.66 21.38 -33.93
CA VAL D 46 2.99 21.61 -33.38
C VAL D 46 4.09 21.17 -34.34
N HIS D 47 3.96 19.98 -34.91
CA HIS D 47 4.94 19.46 -35.88
C HIS D 47 4.23 19.18 -37.20
N PRO D 48 4.34 20.07 -38.19
CA PRO D 48 3.55 19.90 -39.42
C PRO D 48 3.84 18.63 -40.20
N ASP D 49 5.07 18.12 -40.19
CA ASP D 49 5.49 17.04 -41.08
C ASP D 49 5.89 15.80 -40.30
N THR D 50 5.14 15.44 -39.27
CA THR D 50 5.46 14.29 -38.44
C THR D 50 4.22 13.42 -38.26
N GLY D 51 4.40 12.11 -38.32
CA GLY D 51 3.34 11.16 -38.11
C GLY D 51 3.36 10.56 -36.71
N ILE D 52 2.57 9.50 -36.55
CA ILE D 52 2.43 8.83 -35.26
C ILE D 52 1.91 7.43 -35.52
N SER D 53 2.44 6.47 -34.78
CA SER D 53 2.05 5.08 -34.94
C SER D 53 0.79 4.79 -34.12
N SER D 54 0.21 3.60 -34.36
CA SER D 54 -1.04 3.25 -33.70
C SER D 54 -0.83 3.04 -32.20
N LYS D 55 0.29 2.43 -31.81
CA LYS D 55 0.51 2.17 -30.39
C LYS D 55 0.88 3.45 -29.64
N ALA D 56 1.60 4.36 -30.30
CA ALA D 56 1.78 5.68 -29.72
C ALA D 56 0.44 6.40 -29.58
N MET D 57 -0.45 6.18 -30.55
CA MET D 57 -1.81 6.72 -30.47
C MET D 57 -2.53 6.20 -29.23
N SER D 58 -2.45 4.90 -28.99
CA SER D 58 -3.10 4.32 -27.83
C SER D 58 -2.51 4.86 -26.53
N ILE D 59 -1.19 5.02 -26.48
CA ILE D 59 -0.56 5.55 -25.28
C ILE D 59 -1.03 6.98 -25.01
N MET D 60 -1.10 7.80 -26.05
CA MET D 60 -1.57 9.17 -25.85
C MET D 60 -3.03 9.21 -25.42
N ASN D 61 -3.84 8.30 -25.96
CA ASN D 61 -5.23 8.22 -25.54
C ASN D 61 -5.34 7.89 -24.05
N SER D 62 -4.55 6.91 -23.60
CA SER D 62 -4.56 6.54 -22.18
C SER D 62 -4.09 7.69 -21.31
N PHE D 63 -3.06 8.42 -21.76
CA PHE D 63 -2.57 9.57 -21.00
C PHE D 63 -3.65 10.63 -20.83
N VAL D 64 -4.38 10.93 -21.92
CA VAL D 64 -5.44 11.92 -21.85
C VAL D 64 -6.55 11.47 -20.90
N ASN D 65 -6.96 10.21 -21.00
CA ASN D 65 -8.01 9.70 -20.12
C ASN D 65 -7.59 9.74 -18.66
N ASP D 66 -6.34 9.39 -18.38
CA ASP D 66 -5.82 9.42 -17.01
C ASP D 66 -5.86 10.83 -16.44
N ILE D 67 -5.40 11.81 -17.21
CA ILE D 67 -5.39 13.18 -16.74
C ILE D 67 -6.82 13.65 -16.45
N PHE D 68 -7.74 13.35 -17.37
CA PHE D 68 -9.13 13.74 -17.18
C PHE D 68 -9.69 13.16 -15.89
N GLU D 69 -9.52 11.85 -15.68
CA GLU D 69 -10.12 11.20 -14.52
C GLU D 69 -9.51 11.71 -13.22
N ARG D 70 -8.20 11.91 -13.18
CA ARG D 70 -7.57 12.41 -11.97
C ARG D 70 -8.12 13.79 -11.59
N ILE D 71 -8.17 14.71 -12.57
CA ILE D 71 -8.62 16.05 -12.23
C ILE D 71 -10.10 16.06 -11.84
N ALA D 72 -10.92 15.25 -12.53
CA ALA D 72 -12.33 15.20 -12.18
C ALA D 72 -12.54 14.67 -10.77
N ALA D 73 -11.81 13.62 -10.40
CA ALA D 73 -11.96 13.06 -9.06
C ALA D 73 -11.53 14.05 -7.99
N GLU D 74 -10.42 14.77 -8.22
CA GLU D 74 -9.99 15.75 -7.23
C GLU D 74 -10.98 16.89 -7.10
N ALA D 75 -11.55 17.36 -8.21
CA ALA D 75 -12.56 18.41 -8.13
C ALA D 75 -13.80 17.94 -7.39
N SER D 76 -14.21 16.69 -7.62
CA SER D 76 -15.36 16.16 -6.90
C SER D 76 -15.11 16.12 -5.40
N ARG D 77 -13.90 15.67 -5.01
CA ARG D 77 -13.57 15.65 -3.58
C ARG D 77 -13.58 17.04 -2.99
N LEU D 78 -13.02 18.02 -3.71
CA LEU D 78 -13.02 19.40 -3.20
C LEU D 78 -14.45 19.93 -3.05
N ALA D 79 -15.32 19.62 -4.00
CA ALA D 79 -16.71 20.06 -3.87
C ALA D 79 -17.38 19.44 -2.66
N HIS D 80 -17.16 18.14 -2.44
CA HIS D 80 -17.78 17.48 -1.30
C HIS D 80 -17.25 18.02 0.02
N TYR D 81 -15.94 18.31 0.10
CA TYR D 81 -15.37 18.84 1.35
C TYR D 81 -15.96 20.19 1.70
N ASN D 82 -16.17 21.04 0.71
CA ASN D 82 -16.60 22.42 0.92
C ASN D 82 -18.10 22.57 1.11
N LYS D 83 -18.83 21.47 1.24
CA LYS D 83 -20.29 21.48 1.44
C LYS D 83 -21.00 22.13 0.26
N ARG D 84 -20.58 21.79 -0.95
CA ARG D 84 -21.17 22.31 -2.17
C ARG D 84 -21.52 21.15 -3.10
N SER D 85 -22.46 21.40 -4.01
CA SER D 85 -22.92 20.39 -4.95
C SER D 85 -22.69 20.80 -6.41
N THR D 86 -21.79 21.75 -6.66
CA THR D 86 -21.53 22.25 -7.99
C THR D 86 -20.03 22.27 -8.26
N ILE D 87 -19.62 21.78 -9.41
CA ILE D 87 -18.24 21.84 -9.86
C ILE D 87 -18.10 23.03 -10.81
N THR D 88 -17.24 23.97 -10.45
CA THR D 88 -17.03 25.19 -11.23
C THR D 88 -15.59 25.23 -11.72
N SER D 89 -15.22 26.35 -12.34
CA SER D 89 -13.86 26.51 -12.81
C SER D 89 -12.88 26.68 -11.65
N ARG D 90 -13.35 27.19 -10.50
CA ARG D 90 -12.48 27.32 -9.34
C ARG D 90 -12.08 25.96 -8.78
N GLU D 91 -13.02 25.00 -8.76
CA GLU D 91 -12.67 23.65 -8.36
C GLU D 91 -11.62 23.05 -9.28
N ILE D 92 -11.76 23.24 -10.58
CA ILE D 92 -10.79 22.68 -11.52
C ILE D 92 -9.43 23.35 -11.35
N GLN D 93 -9.42 24.67 -11.13
CA GLN D 93 -8.15 25.36 -10.91
C GLN D 93 -7.44 24.82 -9.69
N THR D 94 -8.17 24.66 -8.59
CA THR D 94 -7.55 24.18 -7.36
C THR D 94 -7.10 22.73 -7.51
N ALA D 95 -7.87 21.92 -8.25
CA ALA D 95 -7.45 20.54 -8.50
C ALA D 95 -6.17 20.49 -9.32
N VAL D 96 -6.06 21.34 -10.34
CA VAL D 96 -4.85 21.36 -11.16
C VAL D 96 -3.65 21.79 -10.32
N ARG D 97 -3.84 22.79 -9.45
CA ARG D 97 -2.75 23.19 -8.57
C ARG D 97 -2.35 22.07 -7.63
N LEU D 98 -3.33 21.34 -7.10
CA LEU D 98 -3.03 20.24 -6.17
C LEU D 98 -2.41 19.04 -6.86
N LEU D 99 -2.59 18.90 -8.18
CA LEU D 99 -2.14 17.70 -8.89
C LEU D 99 -0.90 17.92 -9.74
N LEU D 100 -0.68 19.11 -10.27
CA LEU D 100 0.48 19.20 -11.15
C LEU D 100 1.64 19.89 -10.44
N PRO D 101 2.88 19.45 -10.70
CA PRO D 101 4.03 20.00 -9.97
C PRO D 101 4.72 21.18 -10.64
N GLY D 102 4.95 22.24 -9.88
CA GLY D 102 5.85 23.30 -10.32
C GLY D 102 5.38 24.03 -11.56
N GLU D 103 6.23 24.04 -12.58
CA GLU D 103 5.96 24.83 -13.79
C GLU D 103 4.75 24.32 -14.55
N LEU D 104 4.54 23.01 -14.56
CA LEU D 104 3.39 22.45 -15.25
C LEU D 104 2.10 23.07 -14.72
N ALA D 105 1.98 23.19 -13.40
CA ALA D 105 0.78 23.76 -12.81
C ALA D 105 0.58 25.22 -13.21
N LYS D 106 1.66 26.01 -13.18
CA LYS D 106 1.55 27.43 -13.53
C LYS D 106 1.10 27.61 -14.97
N HIS D 107 1.71 26.84 -15.89
CA HIS D 107 1.35 26.97 -17.29
C HIS D 107 -0.06 26.46 -17.56
N ALA D 108 -0.48 25.38 -16.89
CA ALA D 108 -1.83 24.89 -17.06
C ALA D 108 -2.86 25.90 -16.54
N VAL D 109 -2.56 26.54 -15.41
CA VAL D 109 -3.47 27.54 -14.86
C VAL D 109 -3.59 28.71 -15.82
N SER D 110 -2.47 29.16 -16.39
CA SER D 110 -2.52 30.25 -17.35
C SER D 110 -3.34 29.87 -18.57
N GLU D 111 -3.16 28.65 -19.08
CA GLU D 111 -3.92 28.21 -20.25
C GLU D 111 -5.41 28.16 -19.96
N GLY D 112 -5.79 27.61 -18.80
CA GLY D 112 -7.20 27.54 -18.46
C GLY D 112 -7.84 28.91 -18.28
N THR D 113 -7.13 29.83 -17.62
CA THR D 113 -7.66 31.17 -17.46
C THR D 113 -7.85 31.85 -18.81
N LYS D 114 -6.89 31.70 -19.71
CA LYS D 114 -7.03 32.30 -21.04
C LYS D 114 -8.20 31.71 -21.80
N ALA D 115 -8.35 30.38 -21.76
CA ALA D 115 -9.46 29.74 -22.48
C ALA D 115 -10.80 30.20 -21.95
N VAL D 116 -10.95 30.27 -20.62
CA VAL D 116 -12.22 30.70 -20.04
C VAL D 116 -12.51 32.16 -20.38
N THR D 117 -11.51 33.02 -20.29
CA THR D 117 -11.76 34.43 -20.56
C THR D 117 -12.00 34.70 -22.05
N LYS D 118 -11.54 33.81 -22.93
CA LYS D 118 -11.91 33.92 -24.34
C LYS D 118 -13.33 33.41 -24.58
N TYR D 119 -13.70 32.30 -23.91
CA TYR D 119 -15.04 31.74 -24.08
C TYR D 119 -16.11 32.68 -23.56
N THR D 120 -15.82 33.41 -22.48
CA THR D 120 -16.81 34.31 -21.91
C THR D 120 -17.06 35.52 -22.80
N SER D 121 -15.99 36.12 -23.33
CA SER D 121 -16.14 37.38 -24.07
C SER D 121 -16.94 37.19 -25.36
N SER D 122 -16.94 36.00 -25.93
CA SER D 122 -17.71 35.71 -27.13
C SER D 122 -19.01 35.05 -26.73
N LYS D 123 -20.13 35.71 -27.01
CA LYS D 123 -21.44 35.20 -26.65
C LYS D 123 -21.72 33.82 -27.27
N LYS E 36 47.16 -19.63 -32.81
CA LYS E 36 47.05 -20.84 -32.03
C LYS E 36 45.87 -20.76 -31.06
N LYS E 37 46.05 -20.03 -29.96
CA LYS E 37 44.99 -19.88 -28.98
C LYS E 37 43.88 -19.01 -29.56
N PRO E 38 42.63 -19.46 -29.54
CA PRO E 38 41.53 -18.63 -30.03
C PRO E 38 41.37 -17.37 -29.20
N HIS E 39 40.89 -16.31 -29.86
CA HIS E 39 40.65 -15.05 -29.19
C HIS E 39 39.66 -15.24 -28.04
N ARG E 40 40.02 -14.73 -26.87
CA ARG E 40 39.22 -14.95 -25.66
C ARG E 40 39.10 -13.62 -24.92
N TYR E 41 37.88 -13.12 -24.81
CA TYR E 41 37.64 -11.89 -24.08
C TYR E 41 37.79 -12.13 -22.58
N ARG E 42 38.18 -11.08 -21.87
CA ARG E 42 38.32 -11.20 -20.43
C ARG E 42 36.95 -11.09 -19.76
N PRO E 43 36.78 -11.68 -18.58
CA PRO E 43 35.49 -11.62 -17.89
C PRO E 43 35.09 -10.18 -17.56
N GLY E 44 34.00 -9.74 -18.17
CA GLY E 44 33.51 -8.40 -17.94
C GLY E 44 33.10 -7.66 -19.21
N THR E 45 33.77 -7.95 -20.32
CA THR E 45 33.49 -7.22 -21.55
C THR E 45 32.19 -7.67 -22.19
N VAL E 46 31.94 -8.98 -22.24
CA VAL E 46 30.71 -9.48 -22.86
C VAL E 46 29.50 -9.06 -22.05
N ALA E 47 29.62 -9.03 -20.72
CA ALA E 47 28.51 -8.59 -19.89
C ALA E 47 28.16 -7.13 -20.15
N LEU E 48 29.17 -6.26 -20.24
CA LEU E 48 28.92 -4.86 -20.55
C LEU E 48 28.31 -4.70 -21.94
N ARG E 49 28.82 -5.47 -22.91
CA ARG E 49 28.26 -5.44 -24.26
C ARG E 49 26.78 -5.82 -24.25
N GLU E 50 26.44 -6.87 -23.51
CA GLU E 50 25.04 -7.28 -23.41
C GLU E 50 24.20 -6.25 -22.67
N ILE E 51 24.78 -5.58 -21.66
CA ILE E 51 24.05 -4.54 -20.95
C ILE E 51 23.66 -3.43 -21.92
N ARG E 52 24.62 -2.98 -22.73
CA ARG E 52 24.30 -1.93 -23.70
C ARG E 52 23.26 -2.43 -24.71
N ARG E 53 23.43 -3.66 -25.20
CA ARG E 53 22.50 -4.19 -26.19
C ARG E 53 21.08 -4.22 -25.67
N TYR E 54 20.86 -4.81 -24.49
CA TYR E 54 19.51 -4.98 -23.99
C TYR E 54 18.96 -3.73 -23.32
N GLN E 55 19.80 -2.75 -23.01
CA GLN E 55 19.30 -1.45 -22.61
C GLN E 55 18.98 -0.56 -23.80
N LYS E 56 19.41 -0.93 -25.00
CA LYS E 56 19.08 -0.15 -26.19
C LYS E 56 17.80 -0.63 -26.88
N SER E 57 17.35 -1.85 -26.63
CA SER E 57 16.23 -2.44 -27.35
C SER E 57 14.99 -2.48 -26.47
N THR E 58 13.84 -2.73 -27.10
CA THR E 58 12.54 -2.68 -26.44
C THR E 58 11.69 -3.88 -26.82
N GLU E 59 12.27 -5.08 -26.79
CA GLU E 59 11.52 -6.29 -27.14
C GLU E 59 11.37 -7.18 -25.92
N LEU E 60 10.32 -8.00 -25.93
CA LEU E 60 10.07 -8.93 -24.85
C LEU E 60 11.20 -9.94 -24.74
N LEU E 61 11.67 -10.18 -23.51
CA LEU E 61 12.84 -11.01 -23.26
C LEU E 61 12.51 -12.43 -22.81
N ILE E 62 11.26 -12.71 -22.49
CA ILE E 62 10.82 -14.06 -22.14
C ILE E 62 10.09 -14.65 -23.33
N ARG E 63 10.38 -15.90 -23.66
CA ARG E 63 9.70 -16.56 -24.76
C ARG E 63 8.20 -16.57 -24.49
N LYS E 64 7.42 -16.25 -25.53
CA LYS E 64 6.00 -15.94 -25.31
C LYS E 64 5.20 -17.17 -24.91
N LEU E 65 5.42 -18.30 -25.57
CA LEU E 65 4.61 -19.49 -25.28
C LEU E 65 4.81 -20.03 -23.87
N PRO E 66 6.03 -20.18 -23.35
CA PRO E 66 6.15 -20.61 -21.95
C PRO E 66 5.48 -19.67 -20.97
N PHE E 67 5.55 -18.36 -21.19
CA PHE E 67 4.85 -17.44 -20.30
C PHE E 67 3.34 -17.61 -20.40
N GLN E 68 2.83 -17.84 -21.60
CA GLN E 68 1.41 -18.12 -21.76
C GLN E 68 1.00 -19.36 -20.99
N ARG E 69 1.81 -20.41 -21.06
CA ARG E 69 1.50 -21.63 -20.33
C ARG E 69 1.52 -21.40 -18.82
N LEU E 70 2.48 -20.60 -18.34
CA LEU E 70 2.51 -20.27 -16.92
C LEU E 70 1.26 -19.49 -16.50
N VAL E 71 0.84 -18.54 -17.34
CA VAL E 71 -0.36 -17.76 -17.04
C VAL E 71 -1.57 -18.68 -16.95
N ARG E 72 -1.70 -19.62 -17.88
CA ARG E 72 -2.81 -20.56 -17.83
C ARG E 72 -2.75 -21.44 -16.59
N GLU E 73 -1.55 -21.87 -16.21
CA GLU E 73 -1.40 -22.67 -14.99
C GLU E 73 -1.89 -21.93 -13.76
N ILE E 74 -1.46 -20.67 -13.60
CA ILE E 74 -1.80 -19.92 -12.39
C ILE E 74 -3.31 -19.67 -12.33
N ALA E 75 -3.92 -19.31 -13.44
CA ALA E 75 -5.35 -19.02 -13.45
C ALA E 75 -6.21 -20.27 -13.30
N GLN E 76 -5.64 -21.46 -13.56
CA GLN E 76 -6.42 -22.69 -13.48
C GLN E 76 -6.93 -22.97 -12.07
N ASP E 77 -6.30 -22.38 -11.06
CA ASP E 77 -6.69 -22.60 -9.67
C ASP E 77 -7.72 -21.60 -9.16
N PHE E 78 -8.20 -20.70 -10.02
CA PHE E 78 -9.23 -19.74 -9.63
C PHE E 78 -10.54 -19.95 -10.36
N LYS E 79 -10.53 -20.57 -11.53
CA LYS E 79 -11.73 -20.88 -12.29
C LYS E 79 -11.38 -21.89 -13.37
N THR E 80 -12.22 -22.91 -13.52
CA THR E 80 -11.95 -23.98 -14.47
C THR E 80 -12.48 -23.63 -15.85
N ASP E 81 -11.80 -24.16 -16.88
CA ASP E 81 -12.17 -23.93 -18.27
C ASP E 81 -12.21 -22.45 -18.62
N LEU E 82 -11.27 -21.68 -18.05
CA LEU E 82 -11.14 -20.28 -18.38
C LEU E 82 -10.57 -20.13 -19.79
N ARG E 83 -10.86 -18.99 -20.41
CA ARG E 83 -10.33 -18.66 -21.72
C ARG E 83 -9.75 -17.25 -21.67
N PHE E 84 -8.71 -17.02 -22.47
CA PHE E 84 -7.96 -15.78 -22.44
C PHE E 84 -7.91 -15.15 -23.83
N GLN E 85 -8.07 -13.83 -23.88
CA GLN E 85 -7.73 -13.09 -25.09
C GLN E 85 -6.23 -12.91 -25.16
N SER E 86 -5.71 -12.86 -26.39
CA SER E 86 -4.26 -12.75 -26.58
C SER E 86 -3.73 -11.42 -26.05
N SER E 87 -4.50 -10.35 -26.20
CA SER E 87 -4.05 -9.05 -25.70
C SER E 87 -3.92 -9.06 -24.18
N ALA E 88 -4.76 -9.83 -23.49
CA ALA E 88 -4.62 -9.95 -22.04
C ALA E 88 -3.28 -10.58 -21.66
N VAL E 89 -2.89 -11.64 -22.37
CA VAL E 89 -1.60 -12.28 -22.11
C VAL E 89 -0.47 -11.31 -22.39
N MET E 90 -0.57 -10.54 -23.47
CA MET E 90 0.47 -9.57 -23.77
C MET E 90 0.57 -8.51 -22.68
N ALA E 91 -0.56 -8.03 -22.17
CA ALA E 91 -0.53 -7.04 -21.10
C ALA E 91 0.10 -7.60 -19.84
N LEU E 92 -0.24 -8.84 -19.50
CA LEU E 92 0.37 -9.49 -18.34
C LEU E 92 1.88 -9.57 -18.50
N GLN E 93 2.34 -9.98 -19.68
CA GLN E 93 3.78 -10.10 -19.91
C GLN E 93 4.48 -8.76 -19.81
N GLU E 94 3.91 -7.72 -20.40
CA GLU E 94 4.51 -6.40 -20.33
C GLU E 94 4.66 -5.92 -18.89
N ALA E 95 3.57 -6.02 -18.12
CA ALA E 95 3.62 -5.57 -16.73
C ALA E 95 4.63 -6.38 -15.93
N SER E 96 4.65 -7.70 -16.13
CA SER E 96 5.58 -8.56 -15.39
C SER E 96 7.02 -8.19 -15.69
N GLU E 97 7.35 -7.97 -16.96
CA GLU E 97 8.72 -7.63 -17.30
C GLU E 97 9.12 -6.29 -16.71
N ALA E 98 8.22 -5.31 -16.73
CA ALA E 98 8.55 -4.02 -16.13
C ALA E 98 8.84 -4.16 -14.65
N TYR E 99 8.01 -4.92 -13.94
CA TYR E 99 8.22 -5.13 -12.52
C TYR E 99 9.55 -5.82 -12.25
N LEU E 100 9.87 -6.86 -13.01
CA LEU E 100 11.12 -7.59 -12.78
C LEU E 100 12.35 -6.72 -13.06
N VAL E 101 12.30 -5.92 -14.13
CA VAL E 101 13.43 -5.04 -14.42
C VAL E 101 13.64 -4.04 -13.31
N GLY E 102 12.55 -3.45 -12.80
CA GLY E 102 12.69 -2.53 -11.68
C GLY E 102 13.28 -3.18 -10.45
N LEU E 103 12.81 -4.39 -10.13
CA LEU E 103 13.34 -5.09 -8.97
C LEU E 103 14.82 -5.40 -9.12
N PHE E 104 15.24 -5.79 -10.32
CA PHE E 104 16.66 -6.07 -10.52
C PHE E 104 17.51 -4.80 -10.42
N GLU E 105 16.96 -3.67 -10.86
CA GLU E 105 17.67 -2.40 -10.68
C GLU E 105 17.90 -2.12 -9.20
N ASP E 106 16.86 -2.30 -8.38
CA ASP E 106 17.01 -2.06 -6.95
C ASP E 106 17.99 -3.05 -6.32
N THR E 107 17.96 -4.30 -6.76
CA THR E 107 18.90 -5.29 -6.26
C THR E 107 20.34 -4.89 -6.57
N ASN E 108 20.59 -4.41 -7.78
CA ASN E 108 21.94 -3.95 -8.13
C ASN E 108 22.38 -2.79 -7.25
N LEU E 109 21.47 -1.85 -6.99
CA LEU E 109 21.81 -0.73 -6.12
C LEU E 109 22.19 -1.20 -4.72
N CYS E 110 21.42 -2.14 -4.17
CA CYS E 110 21.70 -2.66 -2.84
C CYS E 110 23.03 -3.41 -2.81
N ALA E 111 23.32 -4.17 -3.87
CA ALA E 111 24.60 -4.88 -3.94
C ALA E 111 25.77 -3.92 -3.98
N ILE E 112 25.64 -2.82 -4.73
CA ILE E 112 26.71 -1.84 -4.79
C ILE E 112 26.89 -1.15 -3.44
N HIS E 113 25.80 -0.97 -2.70
CA HIS E 113 25.91 -0.36 -1.37
C HIS E 113 26.77 -1.21 -0.43
N ALA E 114 26.62 -2.53 -0.48
CA ALA E 114 27.37 -3.42 0.38
C ALA E 114 28.80 -3.67 -0.12
N LYS E 115 29.29 -2.84 -1.03
CA LYS E 115 30.65 -2.92 -1.54
C LYS E 115 30.91 -4.27 -2.22
N ARG E 116 30.12 -4.53 -3.26
CA ARG E 116 30.23 -5.74 -4.04
C ARG E 116 29.89 -5.41 -5.50
N VAL E 117 29.98 -6.42 -6.36
CA VAL E 117 29.63 -6.28 -7.76
C VAL E 117 28.54 -7.28 -8.10
N THR E 118 28.50 -8.39 -7.36
CA THR E 118 27.56 -9.46 -7.59
C THR E 118 26.25 -9.19 -6.85
N ILE E 119 25.18 -9.80 -7.33
CA ILE E 119 23.87 -9.75 -6.69
C ILE E 119 23.57 -11.12 -6.11
N MET E 120 23.07 -11.14 -4.88
CA MET E 120 22.75 -12.34 -4.13
C MET E 120 21.32 -12.23 -3.62
N PRO E 121 20.71 -13.35 -3.23
CA PRO E 121 19.31 -13.30 -2.78
C PRO E 121 19.06 -12.32 -1.64
N LYS E 122 20.02 -12.11 -0.73
CA LYS E 122 19.79 -11.18 0.35
C LYS E 122 19.61 -9.76 -0.16
N ASP E 123 20.20 -9.42 -1.30
CA ASP E 123 19.98 -8.10 -1.89
C ASP E 123 18.54 -7.94 -2.36
N ILE E 124 18.00 -8.97 -3.01
CA ILE E 124 16.60 -8.95 -3.42
C ILE E 124 15.71 -8.83 -2.20
N GLN E 125 16.03 -9.57 -1.14
CA GLN E 125 15.22 -9.54 0.06
C GLN E 125 15.25 -8.17 0.72
N LEU E 126 16.43 -7.53 0.78
CA LEU E 126 16.50 -6.19 1.35
C LEU E 126 15.71 -5.19 0.52
N ALA E 127 15.81 -5.28 -0.81
CA ALA E 127 15.06 -4.36 -1.67
C ALA E 127 13.55 -4.53 -1.49
N ARG E 128 13.09 -5.78 -1.43
CA ARG E 128 11.66 -6.04 -1.30
C ARG E 128 11.15 -5.76 0.10
N ARG E 129 12.02 -5.85 1.12
CA ARG E 129 11.64 -5.45 2.45
C ARG E 129 11.50 -3.94 2.55
N ILE E 130 12.44 -3.20 1.98
CA ILE E 130 12.39 -1.74 2.06
C ILE E 130 11.22 -1.21 1.24
N ARG E 131 10.93 -1.85 0.10
CA ARG E 131 9.82 -1.40 -0.73
C ARG E 131 8.49 -1.54 0.00
N GLY E 132 8.27 -2.68 0.65
CA GLY E 132 7.05 -2.90 1.40
C GLY E 132 6.23 -4.08 0.91
N GLU E 133 6.84 -4.92 0.07
CA GLU E 133 6.14 -6.07 -0.48
C GLU E 133 6.11 -7.25 0.47
N ARG E 134 6.85 -7.19 1.57
CA ARG E 134 6.84 -8.24 2.58
C ARG E 134 6.72 -7.62 3.97
N LEU F 24 -0.51 -29.20 -17.70
CA LEU F 24 -0.20 -27.98 -16.97
C LEU F 24 0.43 -28.29 -15.62
N ARG F 25 1.73 -28.58 -15.64
CA ARG F 25 2.50 -28.88 -14.44
C ARG F 25 3.88 -28.25 -14.56
N ASP F 26 4.40 -27.77 -13.42
CA ASP F 26 5.77 -27.26 -13.30
C ASP F 26 6.12 -26.26 -14.41
N ASN F 27 5.12 -25.53 -14.91
CA ASN F 27 5.36 -24.58 -15.99
C ASN F 27 6.17 -23.37 -15.55
N ILE F 28 6.41 -23.20 -14.24
CA ILE F 28 7.27 -22.12 -13.78
C ILE F 28 8.69 -22.30 -14.30
N GLN F 29 9.10 -23.55 -14.56
CA GLN F 29 10.44 -23.82 -15.08
C GLN F 29 10.61 -23.37 -16.52
N GLY F 30 9.53 -22.98 -17.20
CA GLY F 30 9.65 -22.44 -18.54
C GLY F 30 10.38 -21.12 -18.60
N ILE F 31 10.46 -20.40 -17.49
CA ILE F 31 11.24 -19.17 -17.42
C ILE F 31 12.70 -19.56 -17.25
N THR F 32 13.40 -19.72 -18.36
CA THR F 32 14.73 -20.31 -18.35
C THR F 32 15.76 -19.35 -17.77
N LYS F 33 16.89 -19.91 -17.39
CA LYS F 33 18.01 -19.11 -16.88
C LYS F 33 18.49 -18.04 -17.85
N PRO F 34 18.65 -18.30 -19.16
CA PRO F 34 19.01 -17.21 -20.06
C PRO F 34 18.02 -16.07 -20.08
N ALA F 35 16.73 -16.34 -19.92
CA ALA F 35 15.74 -15.27 -19.88
C ALA F 35 15.91 -14.40 -18.64
N ILE F 36 16.15 -15.02 -17.48
CA ILE F 36 16.37 -14.24 -16.26
C ILE F 36 17.66 -13.43 -16.37
N ARG F 37 18.69 -14.01 -16.99
CA ARG F 37 19.91 -13.26 -17.23
C ARG F 37 19.67 -12.08 -18.16
N ARG F 38 18.84 -12.27 -19.18
CA ARG F 38 18.53 -11.19 -20.10
C ARG F 38 17.79 -10.07 -19.39
N LEU F 39 16.81 -10.42 -18.56
CA LEU F 39 16.07 -9.41 -17.80
C LEU F 39 16.98 -8.69 -16.82
N ALA F 40 17.95 -9.41 -16.25
CA ALA F 40 18.93 -8.77 -15.37
C ALA F 40 19.79 -7.77 -16.13
N ARG F 41 20.20 -8.12 -17.36
CA ARG F 41 21.08 -7.24 -18.13
C ARG F 41 20.41 -5.90 -18.44
N ARG F 42 19.10 -5.93 -18.76
CA ARG F 42 18.39 -4.69 -19.04
C ARG F 42 18.29 -3.79 -17.81
N GLY F 43 18.41 -4.37 -16.60
CA GLY F 43 18.44 -3.56 -15.39
C GLY F 43 19.80 -2.97 -15.06
N GLY F 44 20.86 -3.48 -15.67
CA GLY F 44 22.19 -2.95 -15.50
C GLY F 44 23.16 -3.78 -14.68
N VAL F 45 22.96 -5.09 -14.60
CA VAL F 45 23.69 -5.95 -13.68
C VAL F 45 24.82 -6.66 -14.42
N LYS F 46 25.98 -6.77 -13.76
CA LYS F 46 27.17 -7.37 -14.37
C LYS F 46 27.41 -8.82 -13.93
N ARG F 47 27.41 -9.08 -12.63
CA ARG F 47 27.65 -10.42 -12.11
C ARG F 47 26.40 -10.94 -11.42
N ILE F 48 26.10 -12.21 -11.63
CA ILE F 48 24.88 -12.83 -11.12
C ILE F 48 25.26 -14.12 -10.40
N SER F 49 24.77 -14.29 -9.18
CA SER F 49 25.03 -15.50 -8.41
C SER F 49 24.17 -16.66 -8.90
N GLY F 50 24.56 -17.86 -8.50
CA GLY F 50 23.90 -19.08 -8.93
C GLY F 50 22.64 -19.44 -8.21
N LEU F 51 22.17 -18.60 -7.29
CA LEU F 51 20.93 -18.84 -6.56
C LEU F 51 19.90 -17.73 -6.76
N ILE F 52 20.11 -16.86 -7.74
CA ILE F 52 19.16 -15.78 -8.02
C ILE F 52 17.92 -16.30 -8.75
N TYR F 53 18.07 -17.36 -9.55
CA TYR F 53 17.00 -17.78 -10.43
C TYR F 53 15.78 -18.28 -9.66
N GLU F 54 16.00 -19.05 -8.58
CA GLU F 54 14.88 -19.50 -7.77
C GLU F 54 14.16 -18.33 -7.11
N GLU F 55 14.92 -17.35 -6.61
CA GLU F 55 14.30 -16.18 -6.00
C GLU F 55 13.45 -15.42 -7.00
N THR F 56 13.96 -15.23 -8.21
CA THR F 56 13.21 -14.52 -9.24
C THR F 56 11.94 -15.30 -9.61
N ARG F 57 12.04 -16.63 -9.69
CA ARG F 57 10.85 -17.42 -10.00
C ARG F 57 9.79 -17.27 -8.92
N GLY F 58 10.18 -17.31 -7.66
CA GLY F 58 9.22 -17.12 -6.58
C GLY F 58 8.56 -15.75 -6.63
N VAL F 59 9.36 -14.71 -6.87
CA VAL F 59 8.81 -13.35 -6.94
C VAL F 59 7.80 -13.25 -8.08
N LEU F 60 8.15 -13.79 -9.25
CA LEU F 60 7.26 -13.73 -10.39
C LEU F 60 5.97 -14.49 -10.12
N LYS F 61 6.06 -15.66 -9.48
CA LYS F 61 4.87 -16.44 -9.20
C LYS F 61 3.92 -15.69 -8.27
N VAL F 62 4.45 -15.04 -7.23
CA VAL F 62 3.58 -14.29 -6.32
C VAL F 62 2.92 -13.12 -7.03
N PHE F 63 3.70 -12.36 -7.81
CA PHE F 63 3.16 -11.22 -8.53
C PHE F 63 2.03 -11.65 -9.48
N LEU F 64 2.27 -12.71 -10.25
CA LEU F 64 1.26 -13.19 -11.18
C LEU F 64 0.02 -13.71 -10.45
N GLU F 65 0.20 -14.38 -9.31
CA GLU F 65 -0.95 -14.82 -8.53
C GLU F 65 -1.84 -13.64 -8.16
N ASN F 66 -1.24 -12.56 -7.66
CA ASN F 66 -2.03 -11.40 -7.28
C ASN F 66 -2.81 -10.84 -8.47
N VAL F 67 -2.10 -10.57 -9.57
CA VAL F 67 -2.74 -9.88 -10.69
C VAL F 67 -3.82 -10.77 -11.31
N ILE F 68 -3.55 -12.06 -11.47
CA ILE F 68 -4.52 -12.95 -12.10
C ILE F 68 -5.73 -13.15 -11.19
N ARG F 69 -5.53 -13.19 -9.88
CA ARG F 69 -6.67 -13.26 -8.96
C ARG F 69 -7.59 -12.07 -9.17
N ASP F 70 -7.02 -10.86 -9.20
CA ASP F 70 -7.86 -9.67 -9.41
C ASP F 70 -8.55 -9.70 -10.77
N ALA F 71 -7.83 -10.09 -11.82
CA ALA F 71 -8.42 -10.12 -13.16
C ALA F 71 -9.57 -11.12 -13.24
N VAL F 72 -9.40 -12.30 -12.65
CA VAL F 72 -10.43 -13.31 -12.76
C VAL F 72 -11.64 -12.96 -11.91
N THR F 73 -11.45 -12.27 -10.77
CA THR F 73 -12.65 -11.85 -10.05
C THR F 73 -13.39 -10.73 -10.77
N TYR F 74 -12.66 -9.83 -11.46
CA TYR F 74 -13.34 -8.87 -12.33
C TYR F 74 -14.13 -9.59 -13.42
N THR F 75 -13.55 -10.63 -14.02
CA THR F 75 -14.27 -11.38 -15.05
C THR F 75 -15.49 -12.08 -14.47
N GLU F 76 -15.37 -12.63 -13.27
CA GLU F 76 -16.49 -13.33 -12.64
C GLU F 76 -17.65 -12.39 -12.35
N HIS F 77 -17.36 -11.16 -11.93
CA HIS F 77 -18.45 -10.22 -11.68
C HIS F 77 -19.18 -9.85 -12.96
N ALA F 78 -18.47 -9.81 -14.08
CA ALA F 78 -19.08 -9.42 -15.35
C ALA F 78 -19.90 -10.54 -15.98
N LYS F 79 -19.96 -11.72 -15.35
CA LYS F 79 -20.72 -12.86 -15.86
C LYS F 79 -20.20 -13.28 -17.23
N ARG F 80 -18.89 -13.30 -17.37
CA ARG F 80 -18.20 -13.64 -18.60
C ARG F 80 -17.27 -14.83 -18.36
N LYS F 81 -16.93 -15.52 -19.44
CA LYS F 81 -16.03 -16.67 -19.38
C LYS F 81 -14.77 -16.43 -20.21
N THR F 82 -14.31 -15.19 -20.26
CA THR F 82 -13.12 -14.82 -21.02
C THR F 82 -12.45 -13.64 -20.35
N VAL F 83 -11.16 -13.78 -20.05
CA VAL F 83 -10.39 -12.70 -19.45
C VAL F 83 -9.89 -11.79 -20.54
N THR F 84 -10.32 -10.53 -20.52
CA THR F 84 -9.99 -9.57 -21.56
C THR F 84 -8.84 -8.69 -21.09
N ALA F 85 -8.41 -7.79 -21.98
CA ALA F 85 -7.33 -6.86 -21.64
C ALA F 85 -7.80 -5.80 -20.66
N MET F 86 -9.08 -5.43 -20.72
CA MET F 86 -9.59 -4.41 -19.80
C MET F 86 -9.57 -4.92 -18.36
N ASP F 87 -9.89 -6.19 -18.16
CA ASP F 87 -9.82 -6.75 -16.81
C ASP F 87 -8.41 -6.73 -16.27
N VAL F 88 -7.42 -7.08 -17.10
CA VAL F 88 -6.03 -7.04 -16.67
C VAL F 88 -5.61 -5.62 -16.33
N VAL F 89 -6.00 -4.65 -17.17
CA VAL F 89 -5.64 -3.26 -16.90
C VAL F 89 -6.27 -2.78 -15.59
N TYR F 90 -7.53 -3.15 -15.36
CA TYR F 90 -8.19 -2.75 -14.11
C TYR F 90 -7.55 -3.41 -12.90
N ALA F 91 -7.16 -4.68 -13.02
CA ALA F 91 -6.44 -5.33 -11.94
C ALA F 91 -5.14 -4.62 -11.65
N LEU F 92 -4.40 -4.23 -12.69
CA LEU F 92 -3.14 -3.52 -12.48
C LEU F 92 -3.38 -2.13 -11.90
N LYS F 93 -4.48 -1.48 -12.27
CA LYS F 93 -4.71 -0.10 -11.84
C LYS F 93 -4.96 -0.02 -10.34
N ARG F 94 -5.68 -0.99 -9.78
CA ARG F 94 -5.98 -1.02 -8.37
C ARG F 94 -4.83 -1.53 -7.52
N GLN F 95 -3.64 -1.68 -8.11
CA GLN F 95 -2.43 -2.06 -7.39
C GLN F 95 -1.32 -1.05 -7.58
N GLY F 96 -1.64 0.15 -8.10
CA GLY F 96 -0.63 1.16 -8.31
C GLY F 96 0.32 0.88 -9.45
N ARG F 97 -0.10 0.07 -10.42
CA ARG F 97 0.74 -0.38 -11.53
C ARG F 97 0.07 -0.08 -12.86
N THR F 98 -0.37 1.17 -13.02
CA THR F 98 -1.11 1.55 -14.23
C THR F 98 -0.31 1.25 -15.49
N LEU F 99 -0.99 0.75 -16.51
CA LEU F 99 -0.38 0.38 -17.78
C LEU F 99 -1.02 1.15 -18.91
N TYR F 100 -0.19 1.65 -19.83
CA TYR F 100 -0.64 2.36 -21.02
C TYR F 100 -0.37 1.52 -22.25
N GLY F 101 -1.33 1.49 -23.17
CA GLY F 101 -1.09 0.89 -24.46
C GLY F 101 -1.94 -0.32 -24.78
N PHE F 102 -2.99 -0.56 -24.00
CA PHE F 102 -3.94 -1.63 -24.29
C PHE F 102 -5.38 -1.16 -24.13
N GLY F 103 -5.62 0.14 -24.21
CA GLY F 103 -6.95 0.69 -24.10
C GLY F 103 -7.35 0.96 -22.66
N GLY F 104 -8.31 1.87 -22.50
CA GLY F 104 -8.82 2.22 -21.19
C GLY F 104 -7.81 2.87 -20.26
N GLY G 11 -49.06 -0.96 12.22
CA GLY G 11 -48.49 -1.20 13.53
C GLY G 11 -47.34 -0.27 13.87
N LYS G 12 -46.58 -0.62 14.90
CA LYS G 12 -45.44 0.19 15.30
C LYS G 12 -44.32 0.14 14.26
N ALA G 13 -43.60 1.24 14.15
CA ALA G 13 -42.45 1.29 13.25
C ALA G 13 -41.34 0.39 13.78
N LYS G 14 -40.61 -0.23 12.85
CA LYS G 14 -39.49 -1.10 13.20
C LYS G 14 -38.30 -0.69 12.34
N SER G 15 -37.25 -0.18 12.99
CA SER G 15 -36.08 0.27 12.25
C SER G 15 -35.45 -0.89 11.50
N ARG G 16 -34.92 -0.60 10.31
CA ARG G 16 -34.36 -1.63 9.46
C ARG G 16 -33.15 -2.30 10.10
N SER G 17 -32.42 -1.57 10.95
CA SER G 17 -31.30 -2.16 11.65
C SER G 17 -31.73 -3.32 12.55
N ASN G 18 -32.83 -3.13 13.29
CA ASN G 18 -33.36 -4.20 14.12
C ASN G 18 -33.90 -5.34 13.27
N ARG G 19 -34.49 -5.01 12.12
CA ARG G 19 -35.03 -6.05 11.24
C ARG G 19 -33.92 -6.94 10.70
N ALA G 20 -32.77 -6.36 10.35
CA ALA G 20 -31.68 -7.13 9.77
C ALA G 20 -30.81 -7.79 10.83
N GLY G 21 -31.07 -7.55 12.11
CA GLY G 21 -30.24 -8.10 13.16
C GLY G 21 -28.84 -7.53 13.23
N LEU G 22 -28.70 -6.23 13.02
CA LEU G 22 -27.43 -5.52 13.09
C LEU G 22 -27.48 -4.48 14.21
N GLN G 23 -26.35 -3.83 14.43
CA GLN G 23 -26.28 -2.69 15.34
C GLN G 23 -26.00 -1.37 14.63
N PHE G 24 -25.30 -1.40 13.50
CA PHE G 24 -24.98 -0.20 12.72
C PHE G 24 -26.19 0.29 11.94
N PRO G 25 -26.27 1.61 11.69
CA PRO G 25 -27.52 2.21 11.18
C PRO G 25 -27.71 1.98 9.69
N VAL G 26 -28.68 1.12 9.35
CA VAL G 26 -28.92 0.81 7.95
C VAL G 26 -29.42 2.04 7.20
N GLY G 27 -30.36 2.79 7.78
CA GLY G 27 -30.91 3.94 7.10
C GLY G 27 -29.92 5.07 6.92
N ARG G 28 -29.08 5.31 7.92
CA ARG G 28 -28.05 6.34 7.79
C ARG G 28 -27.06 5.99 6.68
N ILE G 29 -26.65 4.73 6.60
CA ILE G 29 -25.75 4.31 5.53
C ILE G 29 -26.45 4.43 4.18
N HIS G 30 -27.75 4.13 4.13
CA HIS G 30 -28.51 4.32 2.90
C HIS G 30 -28.48 5.77 2.47
N ARG G 31 -28.67 6.70 3.40
CA ARG G 31 -28.64 8.12 3.08
C ARG G 31 -27.26 8.54 2.56
N LEU G 32 -26.20 8.07 3.23
CA LEU G 32 -24.85 8.42 2.79
C LEU G 32 -24.55 7.87 1.40
N LEU G 33 -25.01 6.66 1.11
CA LEU G 33 -24.86 6.12 -0.24
C LEU G 33 -25.64 6.95 -1.25
N ARG G 34 -26.87 7.34 -0.91
CA ARG G 34 -27.70 8.08 -1.85
C ARG G 34 -27.09 9.42 -2.20
N LYS G 35 -26.58 10.15 -1.21
CA LYS G 35 -26.14 11.52 -1.43
C LYS G 35 -24.63 11.64 -1.60
N GLY G 36 -23.92 10.54 -1.79
CA GLY G 36 -22.48 10.56 -1.87
C GLY G 36 -21.88 10.52 -3.26
N ASN G 37 -22.69 10.65 -4.31
CA ASN G 37 -22.22 10.65 -5.71
C ASN G 37 -21.48 9.36 -6.05
N TYR G 38 -22.16 8.23 -5.81
CA TYR G 38 -21.61 6.92 -6.12
C TYR G 38 -22.30 6.23 -7.28
N ALA G 39 -23.56 6.53 -7.53
CA ALA G 39 -24.32 6.01 -8.66
C ALA G 39 -25.62 6.78 -8.73
N GLU G 40 -26.41 6.50 -9.77
CA GLU G 40 -27.71 7.14 -9.88
C GLU G 40 -28.71 6.54 -8.91
N ARG G 41 -28.63 5.23 -8.68
CA ARG G 41 -29.56 4.53 -7.82
C ARG G 41 -28.80 3.64 -6.86
N VAL G 42 -29.40 3.39 -5.69
CA VAL G 42 -28.87 2.48 -4.69
C VAL G 42 -29.96 1.48 -4.35
N GLY G 43 -29.61 0.19 -4.38
CA GLY G 43 -30.58 -0.84 -4.13
C GLY G 43 -31.05 -0.87 -2.69
N ALA G 44 -31.70 -1.98 -2.33
CA ALA G 44 -32.19 -2.16 -0.98
C ALA G 44 -31.19 -2.91 -0.11
N GLY G 45 -30.62 -4.00 -0.62
CA GLY G 45 -29.72 -4.81 0.17
C GLY G 45 -28.32 -4.28 0.30
N ALA G 46 -27.96 -3.26 -0.48
CA ALA G 46 -26.61 -2.71 -0.41
C ALA G 46 -26.28 -2.11 0.95
N PRO G 47 -27.11 -1.24 1.54
CA PRO G 47 -26.80 -0.76 2.90
C PRO G 47 -26.76 -1.87 3.93
N VAL G 48 -27.59 -2.91 3.79
CA VAL G 48 -27.58 -4.02 4.74
C VAL G 48 -26.25 -4.76 4.67
N TYR G 49 -25.80 -5.09 3.47
CA TYR G 49 -24.52 -5.76 3.29
C TYR G 49 -23.38 -4.92 3.83
N LEU G 50 -23.40 -3.62 3.52
CA LEU G 50 -22.34 -2.73 3.97
C LEU G 50 -22.31 -2.62 5.49
N ALA G 51 -23.48 -2.51 6.12
CA ALA G 51 -23.55 -2.44 7.58
C ALA G 51 -23.01 -3.72 8.20
N ALA G 52 -23.36 -4.87 7.65
CA ALA G 52 -22.84 -6.12 8.20
C ALA G 52 -21.32 -6.17 8.11
N VAL G 53 -20.77 -5.77 6.96
CA VAL G 53 -19.32 -5.83 6.77
C VAL G 53 -18.60 -4.92 7.75
N MET G 54 -19.08 -3.67 7.88
CA MET G 54 -18.44 -2.73 8.80
C MET G 54 -18.56 -3.20 10.24
N GLU G 55 -19.72 -3.75 10.61
CA GLU G 55 -19.89 -4.26 11.97
C GLU G 55 -18.90 -5.36 12.28
N TYR G 56 -18.72 -6.30 11.36
CA TYR G 56 -17.79 -7.40 11.59
C TYR G 56 -16.35 -6.88 11.72
N LEU G 57 -15.96 -5.96 10.82
CA LEU G 57 -14.60 -5.43 10.86
C LEU G 57 -14.34 -4.59 12.10
N ALA G 58 -15.38 -4.00 12.69
CA ALA G 58 -15.17 -3.28 13.94
C ALA G 58 -15.17 -4.21 15.14
N ALA G 59 -16.00 -5.27 15.10
CA ALA G 59 -16.07 -6.21 16.20
C ALA G 59 -14.75 -6.95 16.38
N GLU G 60 -14.10 -7.32 15.28
CA GLU G 60 -12.82 -8.04 15.40
C GLU G 60 -11.78 -7.18 16.13
N VAL G 61 -11.63 -5.94 15.70
CA VAL G 61 -10.66 -5.02 16.31
C VAL G 61 -10.99 -4.79 17.77
N LEU G 62 -12.27 -4.57 18.08
CA LEU G 62 -12.63 -4.28 19.46
C LEU G 62 -12.40 -5.48 20.38
N GLU G 63 -12.69 -6.69 19.89
CA GLU G 63 -12.46 -7.88 20.72
C GLU G 63 -10.97 -8.09 20.99
N LEU G 64 -10.14 -7.98 19.95
CA LEU G 64 -8.71 -8.13 20.18
C LEU G 64 -8.17 -7.05 21.11
N ALA G 65 -8.64 -5.80 20.93
CA ALA G 65 -8.17 -4.72 21.79
C ALA G 65 -8.61 -4.92 23.24
N GLY G 66 -9.80 -5.47 23.45
CA GLY G 66 -10.23 -5.76 24.81
C GLY G 66 -9.37 -6.81 25.49
N ASN G 67 -9.08 -7.90 24.77
CA ASN G 67 -8.18 -8.90 25.34
C ASN G 67 -6.80 -8.31 25.62
N ALA G 68 -6.31 -7.44 24.73
CA ALA G 68 -5.02 -6.80 24.98
C ALA G 68 -5.06 -5.90 26.21
N ALA G 69 -6.16 -5.16 26.38
CA ALA G 69 -6.25 -4.25 27.52
C ALA G 69 -6.35 -4.98 28.84
N ARG G 70 -7.05 -6.12 28.86
CA ARG G 70 -7.18 -6.86 30.11
C ARG G 70 -5.83 -7.41 30.59
N ASP G 71 -4.92 -7.71 29.66
CA ASP G 71 -3.60 -8.18 30.05
C ASP G 71 -2.84 -7.12 30.84
N ASN G 72 -2.96 -5.87 30.43
CA ASN G 72 -2.24 -4.76 31.05
C ASN G 72 -2.86 -4.32 32.38
N LYS G 73 -3.77 -5.12 32.94
CA LYS G 73 -4.44 -4.81 34.20
C LYS G 73 -5.14 -3.46 34.15
N LYS G 74 -5.76 -3.17 33.01
CA LYS G 74 -6.52 -1.94 32.81
C LYS G 74 -7.90 -2.29 32.31
N THR G 75 -8.83 -1.35 32.50
CA THR G 75 -10.20 -1.50 32.03
C THR G 75 -10.51 -0.64 30.81
N ARG G 76 -9.85 0.51 30.68
CA ARG G 76 -10.15 1.49 29.66
C ARG G 76 -9.23 1.28 28.46
N ILE G 77 -9.82 1.20 27.27
CA ILE G 77 -9.06 0.98 26.04
C ILE G 77 -8.41 2.30 25.60
N ILE G 78 -7.13 2.23 25.26
CA ILE G 78 -6.36 3.40 24.84
C ILE G 78 -5.83 3.16 23.43
N PRO G 79 -5.29 4.16 22.74
CA PRO G 79 -4.76 3.91 21.39
C PRO G 79 -3.66 2.86 21.32
N ARG G 80 -2.88 2.69 22.38
CA ARG G 80 -1.77 1.75 22.35
C ARG G 80 -2.25 0.32 22.13
N HIS G 81 -3.36 -0.06 22.77
CA HIS G 81 -3.88 -1.40 22.60
C HIS G 81 -4.29 -1.65 21.15
N LEU G 82 -4.96 -0.68 20.55
CA LEU G 82 -5.34 -0.81 19.14
C LEU G 82 -4.12 -0.94 18.25
N GLN G 83 -3.09 -0.13 18.51
CA GLN G 83 -1.87 -0.18 17.71
C GLN G 83 -1.23 -1.57 17.78
N LEU G 84 -1.11 -2.11 19.00
CA LEU G 84 -0.50 -3.44 19.15
C LEU G 84 -1.34 -4.51 18.46
N ALA G 85 -2.66 -4.46 18.64
CA ALA G 85 -3.52 -5.48 18.04
C ALA G 85 -3.43 -5.44 16.51
N ILE G 86 -3.43 -4.25 15.92
CA ILE G 86 -3.39 -4.15 14.46
C ILE G 86 -2.04 -4.60 13.92
N ARG G 87 -0.93 -4.13 14.52
CA ARG G 87 0.36 -4.50 13.95
C ARG G 87 0.72 -5.95 14.20
N ASN G 88 0.18 -6.58 15.24
CA ASN G 88 0.53 -7.98 15.46
C ASN G 88 -0.27 -8.93 14.56
N ASP G 89 -1.49 -8.57 14.19
CA ASP G 89 -2.24 -9.39 13.23
C ASP G 89 -1.70 -9.19 11.82
N GLU G 90 -1.76 -10.25 11.03
CA GLU G 90 -1.19 -10.20 9.69
C GLU G 90 -2.15 -9.57 8.69
N GLU G 91 -3.38 -10.08 8.60
CA GLU G 91 -4.35 -9.52 7.67
C GLU G 91 -4.76 -8.10 8.07
N LEU G 92 -4.91 -7.84 9.37
CA LEU G 92 -5.24 -6.49 9.81
C LEU G 92 -4.12 -5.52 9.46
N ASN G 93 -2.87 -5.95 9.60
CA ASN G 93 -1.75 -5.10 9.21
C ASN G 93 -1.74 -4.89 7.70
N LYS G 94 -2.07 -5.92 6.92
CA LYS G 94 -2.12 -5.78 5.47
C LYS G 94 -3.17 -4.77 5.05
N LEU G 95 -4.35 -4.83 5.68
CA LEU G 95 -5.44 -3.92 5.33
C LEU G 95 -5.13 -2.48 5.70
N LEU G 96 -4.40 -2.26 6.80
CA LEU G 96 -4.13 -0.93 7.31
C LEU G 96 -2.66 -0.53 7.14
N SER G 97 -2.00 -1.04 6.09
CA SER G 97 -0.55 -0.90 5.98
C SER G 97 -0.13 0.55 5.75
N GLY G 98 -1.02 1.39 5.23
CA GLY G 98 -0.66 2.78 5.00
C GLY G 98 -1.33 3.75 5.95
N VAL G 99 -1.54 3.33 7.20
CA VAL G 99 -2.25 4.13 8.20
C VAL G 99 -1.31 4.40 9.37
N THR G 100 -1.34 5.63 9.87
CA THR G 100 -0.62 6.01 11.08
C THR G 100 -1.63 6.33 12.17
N ILE G 101 -1.49 5.67 13.32
CA ILE G 101 -2.39 5.85 14.45
C ILE G 101 -1.74 6.81 15.43
N ALA G 102 -2.42 7.90 15.73
CA ALA G 102 -1.88 8.90 16.64
C ALA G 102 -1.74 8.34 18.05
N GLN G 103 -0.60 8.62 18.68
CA GLN G 103 -0.30 8.16 20.04
C GLN G 103 -0.38 6.65 20.15
N GLY G 104 0.20 5.94 19.19
CA GLY G 104 0.21 4.50 19.22
C GLY G 104 1.57 3.91 19.51
N GLY G 105 2.63 4.64 19.18
CA GLY G 105 3.97 4.15 19.37
C GLY G 105 4.36 3.12 18.31
N VAL G 106 5.29 2.24 18.69
CA VAL G 106 5.75 1.17 17.82
C VAL G 106 5.84 -0.13 18.61
N LEU G 107 5.94 -1.23 17.89
CA LEU G 107 6.14 -2.53 18.53
C LEU G 107 7.57 -2.65 19.05
N PRO G 108 7.78 -3.41 20.13
CA PRO G 108 9.14 -3.64 20.61
C PRO G 108 9.88 -4.60 19.69
N ASN G 109 11.05 -4.17 19.23
CA ASN G 109 11.80 -4.93 18.24
C ASN G 109 13.24 -4.43 18.22
N ILE G 110 14.19 -5.34 18.45
CA ILE G 110 15.62 -5.05 18.36
C ILE G 110 16.27 -6.14 17.52
N GLN G 111 17.07 -5.73 16.54
CA GLN G 111 17.76 -6.68 15.69
C GLN G 111 18.77 -7.50 16.48
N ALA G 112 18.95 -8.76 16.05
CA ALA G 112 19.77 -9.69 16.81
C ALA G 112 21.25 -9.29 16.83
N VAL G 113 21.75 -8.67 15.77
CA VAL G 113 23.16 -8.33 15.71
C VAL G 113 23.52 -7.25 16.73
N LEU G 114 22.58 -6.38 17.10
CA LEU G 114 22.87 -5.32 18.06
C LEU G 114 22.89 -5.82 19.50
N LEU G 115 22.31 -6.98 19.78
CA LEU G 115 22.24 -7.49 21.13
C LEU G 115 23.63 -7.94 21.61
N PRO G 116 23.87 -7.89 22.93
CA PRO G 116 25.19 -8.30 23.44
C PRO G 116 25.41 -9.80 23.34
N LYS G 117 26.57 -10.26 23.82
CA LYS G 117 26.95 -11.66 23.67
C LYS G 117 26.02 -12.57 24.45
N LYS G 118 25.47 -13.57 23.78
CA LYS G 118 24.53 -14.51 24.37
C LYS G 118 25.02 -15.94 24.17
N THR G 119 24.75 -16.79 25.16
CA THR G 119 25.15 -18.20 25.10
C THR G 119 24.44 -18.92 23.95
N ARG H 29 -23.70 23.85 19.27
CA ARG H 29 -25.14 23.64 19.42
C ARG H 29 -25.71 22.93 18.19
N LYS H 30 -24.93 22.91 17.11
CA LYS H 30 -25.39 22.33 15.86
C LYS H 30 -25.00 20.86 15.79
N ARG H 31 -25.93 20.05 15.31
CA ARG H 31 -25.77 18.60 15.34
C ARG H 31 -24.56 18.17 14.52
N LYS H 32 -23.86 17.16 15.02
CA LYS H 32 -22.67 16.60 14.35
C LYS H 32 -22.70 15.10 14.58
N GLU H 33 -23.08 14.35 13.54
CA GLU H 33 -23.28 12.92 13.66
C GLU H 33 -21.94 12.18 13.68
N SER H 34 -21.99 10.94 14.19
CA SER H 34 -20.80 10.09 14.28
C SER H 34 -21.27 8.66 14.51
N TYR H 35 -20.31 7.76 14.70
CA TYR H 35 -20.59 6.35 14.90
C TYR H 35 -20.32 5.90 16.33
N ALA H 36 -20.32 6.84 17.28
CA ALA H 36 -19.87 6.54 18.63
C ALA H 36 -20.76 5.51 19.31
N ILE H 37 -22.08 5.72 19.30
CA ILE H 37 -22.96 4.89 20.10
C ILE H 37 -22.98 3.46 19.56
N TYR H 38 -22.87 3.28 18.24
CA TYR H 38 -22.87 1.94 17.69
C TYR H 38 -21.59 1.20 18.01
N ILE H 39 -20.44 1.89 17.96
CA ILE H 39 -19.19 1.28 18.39
C ILE H 39 -19.28 0.85 19.84
N TYR H 40 -19.84 1.73 20.69
CA TYR H 40 -19.96 1.41 22.11
C TYR H 40 -20.87 0.21 22.34
N LYS H 41 -21.96 0.13 21.58
CA LYS H 41 -22.88 -0.99 21.72
C LYS H 41 -22.22 -2.31 21.33
N VAL H 42 -21.46 -2.31 20.24
CA VAL H 42 -20.76 -3.53 19.84
C VAL H 42 -19.71 -3.91 20.88
N LEU H 43 -18.97 -2.91 21.39
CA LEU H 43 -17.99 -3.18 22.43
C LEU H 43 -18.65 -3.83 23.65
N LYS H 44 -19.76 -3.26 24.11
CA LYS H 44 -20.46 -3.82 25.27
C LYS H 44 -20.98 -5.22 24.96
N GLN H 45 -21.37 -5.46 23.72
CA GLN H 45 -21.84 -6.79 23.35
C GLN H 45 -20.70 -7.81 23.34
N VAL H 46 -19.47 -7.38 23.13
CA VAL H 46 -18.32 -8.28 23.14
C VAL H 46 -17.65 -8.32 24.51
N HIS H 47 -17.39 -7.16 25.11
CA HIS H 47 -16.74 -7.05 26.42
C HIS H 47 -17.65 -6.29 27.37
N PRO H 48 -18.44 -6.98 28.20
CA PRO H 48 -19.44 -6.26 29.02
C PRO H 48 -18.85 -5.28 30.03
N ASP H 49 -17.60 -5.45 30.44
CA ASP H 49 -17.01 -4.67 31.52
C ASP H 49 -15.73 -4.00 31.08
N THR H 50 -15.77 -3.32 29.94
CA THR H 50 -14.61 -2.61 29.43
C THR H 50 -15.07 -1.30 28.80
N GLY H 51 -14.37 -0.21 29.12
CA GLY H 51 -14.68 1.08 28.57
C GLY H 51 -13.74 1.46 27.43
N ILE H 52 -13.86 2.71 26.99
CA ILE H 52 -13.05 3.21 25.89
C ILE H 52 -12.75 4.68 26.16
N SER H 53 -11.55 5.10 25.79
CA SER H 53 -11.18 6.50 25.95
C SER H 53 -11.60 7.29 24.72
N SER H 54 -11.51 8.62 24.84
CA SER H 54 -11.99 9.49 23.77
C SER H 54 -11.16 9.33 22.50
N LYS H 55 -9.83 9.29 22.63
CA LYS H 55 -8.98 9.15 21.46
C LYS H 55 -9.16 7.79 20.79
N ALA H 56 -9.33 6.73 21.58
CA ALA H 56 -9.58 5.41 21.01
C ALA H 56 -10.90 5.38 20.24
N MET H 57 -11.93 6.03 20.79
CA MET H 57 -13.20 6.12 20.09
C MET H 57 -13.05 6.89 18.79
N SER H 58 -12.29 7.98 18.81
CA SER H 58 -12.06 8.72 17.58
C SER H 58 -11.36 7.87 16.53
N ILE H 59 -10.36 7.09 16.96
CA ILE H 59 -9.64 6.21 16.04
C ILE H 59 -10.58 5.18 15.43
N MET H 60 -11.46 4.59 16.24
CA MET H 60 -12.41 3.62 15.70
C MET H 60 -13.41 4.27 14.75
N ASN H 61 -13.82 5.50 15.05
CA ASN H 61 -14.70 6.24 14.16
C ASN H 61 -14.04 6.45 12.79
N SER H 62 -12.78 6.87 12.80
CA SER H 62 -12.05 7.05 11.55
C SER H 62 -11.89 5.74 10.79
N PHE H 63 -11.66 4.65 11.53
CA PHE H 63 -11.53 3.34 10.89
C PHE H 63 -12.82 2.95 10.16
N VAL H 64 -13.96 3.12 10.81
CA VAL H 64 -15.23 2.77 10.18
C VAL H 64 -15.49 3.67 8.97
N ASN H 65 -15.21 4.96 9.09
CA ASN H 65 -15.40 5.86 7.96
C ASN H 65 -14.52 5.46 6.77
N ASP H 66 -13.26 5.11 7.04
CA ASP H 66 -12.35 4.72 5.98
C ASP H 66 -12.86 3.48 5.26
N ILE H 67 -13.31 2.48 6.02
CA ILE H 67 -13.80 1.24 5.40
C ILE H 67 -15.02 1.54 4.53
N PHE H 68 -15.95 2.34 5.05
CA PHE H 68 -17.14 2.69 4.27
C PHE H 68 -16.75 3.35 2.96
N GLU H 69 -15.89 4.37 3.01
CA GLU H 69 -15.56 5.10 1.80
C GLU H 69 -14.83 4.23 0.79
N ARG H 70 -13.90 3.39 1.27
CA ARG H 70 -13.19 2.49 0.36
C ARG H 70 -14.15 1.58 -0.39
N ILE H 71 -15.04 0.91 0.35
CA ILE H 71 -15.93 -0.05 -0.27
C ILE H 71 -16.90 0.65 -1.23
N ALA H 72 -17.39 1.82 -0.83
CA ALA H 72 -18.32 2.54 -1.70
C ALA H 72 -17.65 2.97 -3.00
N ALA H 73 -16.42 3.46 -2.92
CA ALA H 73 -15.73 3.89 -4.14
C ALA H 73 -15.46 2.69 -5.06
N GLU H 74 -15.06 1.55 -4.49
CA GLU H 74 -14.83 0.37 -5.31
C GLU H 74 -16.11 -0.09 -5.98
N ALA H 75 -17.23 -0.10 -5.24
CA ALA H 75 -18.50 -0.50 -5.83
C ALA H 75 -18.92 0.45 -6.94
N SER H 76 -18.70 1.76 -6.74
CA SER H 76 -19.04 2.74 -7.78
C SER H 76 -18.26 2.48 -9.05
N ARG H 77 -16.94 2.28 -8.92
CA ARG H 77 -16.12 2.03 -10.11
C ARG H 77 -16.57 0.75 -10.80
N LEU H 78 -16.80 -0.31 -10.04
CA LEU H 78 -17.15 -1.59 -10.63
C LEU H 78 -18.52 -1.58 -11.27
N ALA H 79 -19.44 -0.75 -10.77
CA ALA H 79 -20.72 -0.59 -11.44
C ALA H 79 -20.59 0.22 -12.72
N HIS H 80 -19.76 1.27 -12.70
CA HIS H 80 -19.58 2.07 -13.90
C HIS H 80 -18.89 1.30 -15.02
N TYR H 81 -18.00 0.36 -14.67
CA TYR H 81 -17.29 -0.38 -15.73
C TYR H 81 -18.28 -1.13 -16.62
N ASN H 82 -19.24 -1.81 -16.03
CA ASN H 82 -20.19 -2.63 -16.78
C ASN H 82 -21.35 -1.83 -17.35
N LYS H 83 -21.26 -0.51 -17.37
CA LYS H 83 -22.31 0.37 -17.91
C LYS H 83 -23.64 0.13 -17.22
N ARG H 84 -23.61 0.14 -15.88
CA ARG H 84 -24.80 -0.03 -15.06
C ARG H 84 -25.02 1.24 -14.26
N SER H 85 -26.27 1.47 -13.87
CA SER H 85 -26.67 2.70 -13.22
C SER H 85 -27.04 2.53 -11.75
N THR H 86 -26.99 1.32 -11.21
CA THR H 86 -27.34 1.06 -9.82
C THR H 86 -26.29 0.16 -9.19
N ILE H 87 -26.09 0.35 -7.89
CA ILE H 87 -25.19 -0.46 -7.09
C ILE H 87 -26.01 -1.30 -6.13
N THR H 88 -25.79 -2.62 -6.15
CA THR H 88 -26.59 -3.53 -5.33
C THR H 88 -25.70 -4.38 -4.44
N SER H 89 -26.30 -5.41 -3.81
CA SER H 89 -25.55 -6.25 -2.90
C SER H 89 -24.45 -7.03 -3.61
N ARG H 90 -24.65 -7.35 -4.89
CA ARG H 90 -23.63 -8.07 -5.65
C ARG H 90 -22.37 -7.22 -5.83
N GLU H 91 -22.54 -5.93 -6.12
CA GLU H 91 -21.39 -5.04 -6.26
C GLU H 91 -20.64 -4.90 -4.94
N ILE H 92 -21.37 -4.78 -3.83
CA ILE H 92 -20.74 -4.69 -2.52
C ILE H 92 -19.97 -5.98 -2.23
N GLN H 93 -20.56 -7.13 -2.57
CA GLN H 93 -19.88 -8.40 -2.37
C GLN H 93 -18.57 -8.47 -3.15
N THR H 94 -18.62 -8.06 -4.42
CA THR H 94 -17.40 -8.11 -5.22
C THR H 94 -16.35 -7.14 -4.71
N ALA H 95 -16.78 -5.96 -4.25
CA ALA H 95 -15.82 -5.01 -3.68
C ALA H 95 -15.18 -5.57 -2.42
N VAL H 96 -15.95 -6.24 -1.58
CA VAL H 96 -15.39 -6.87 -0.38
C VAL H 96 -14.40 -7.96 -0.78
N ARG H 97 -14.75 -8.77 -1.77
CA ARG H 97 -13.84 -9.81 -2.25
C ARG H 97 -12.58 -9.22 -2.88
N LEU H 98 -12.63 -7.98 -3.34
CA LEU H 98 -11.45 -7.31 -3.88
C LEU H 98 -10.59 -6.62 -2.83
N LEU H 99 -11.18 -6.06 -1.78
CA LEU H 99 -10.45 -5.17 -0.88
C LEU H 99 -9.88 -5.85 0.36
N LEU H 100 -10.46 -6.97 0.81
CA LEU H 100 -9.98 -7.55 2.06
C LEU H 100 -9.07 -8.75 1.79
N PRO H 101 -8.17 -9.07 2.73
CA PRO H 101 -7.39 -10.30 2.61
C PRO H 101 -8.24 -11.55 2.81
N GLY H 102 -7.65 -12.72 2.68
CA GLY H 102 -8.41 -13.96 2.55
C GLY H 102 -9.46 -14.27 3.59
N GLU H 103 -9.03 -14.59 4.81
CA GLU H 103 -9.97 -15.01 5.85
C GLU H 103 -10.95 -13.89 6.19
N LEU H 104 -10.46 -12.66 6.28
CA LEU H 104 -11.34 -11.54 6.57
C LEU H 104 -12.40 -11.39 5.51
N ALA H 105 -12.01 -11.49 4.23
CA ALA H 105 -12.97 -11.37 3.14
C ALA H 105 -14.01 -12.48 3.20
N LYS H 106 -13.56 -13.71 3.45
CA LYS H 106 -14.49 -14.84 3.50
C LYS H 106 -15.53 -14.65 4.61
N HIS H 107 -15.06 -14.28 5.80
CA HIS H 107 -15.99 -14.14 6.93
C HIS H 107 -16.92 -12.95 6.73
N ALA H 108 -16.42 -11.84 6.16
CA ALA H 108 -17.28 -10.70 5.89
C ALA H 108 -18.34 -11.04 4.84
N VAL H 109 -17.97 -11.82 3.82
CA VAL H 109 -18.94 -12.23 2.81
C VAL H 109 -20.02 -13.10 3.45
N SER H 110 -19.61 -14.02 4.33
CA SER H 110 -20.60 -14.85 5.01
C SER H 110 -21.55 -14.01 5.87
N GLU H 111 -20.99 -13.05 6.61
CA GLU H 111 -21.81 -12.18 7.44
C GLU H 111 -22.80 -11.37 6.61
N GLY H 112 -22.34 -10.80 5.50
CA GLY H 112 -23.23 -10.02 4.66
C GLY H 112 -24.34 -10.85 4.05
N THR H 113 -24.02 -12.05 3.57
CA THR H 113 -25.05 -12.91 3.00
C THR H 113 -26.09 -13.27 4.05
N LYS H 114 -25.65 -13.62 5.26
CA LYS H 114 -26.60 -13.97 6.32
C LYS H 114 -27.48 -12.77 6.67
N ALA H 115 -26.88 -11.58 6.78
CA ALA H 115 -27.66 -10.40 7.13
C ALA H 115 -28.71 -10.09 6.07
N VAL H 116 -28.34 -10.17 4.79
CA VAL H 116 -29.30 -9.87 3.73
C VAL H 116 -30.41 -10.91 3.69
N THR H 117 -30.06 -12.19 3.85
CA THR H 117 -31.09 -13.22 3.84
C THR H 117 -32.07 -13.04 4.99
N LYS H 118 -31.57 -12.69 6.17
CA LYS H 118 -32.48 -12.42 7.28
C LYS H 118 -33.33 -11.18 7.04
N TYR H 119 -32.75 -10.14 6.42
CA TYR H 119 -33.51 -8.93 6.14
C TYR H 119 -34.65 -9.18 5.16
N THR H 120 -34.40 -9.98 4.12
CA THR H 120 -35.41 -10.23 3.11
C THR H 120 -36.59 -10.99 3.68
N SER H 121 -36.33 -12.04 4.46
CA SER H 121 -37.40 -12.92 4.95
C SER H 121 -37.98 -12.38 6.26
N SER H 122 -38.53 -11.16 6.19
CA SER H 122 -39.17 -10.55 7.34
C SER H 122 -39.99 -9.33 6.91
N LYS H 123 -41.25 -9.27 7.34
CA LYS H 123 -42.10 -8.12 7.03
C LYS H 123 -42.97 -7.76 8.22
N GLY K 27 -14.03 -22.48 33.05
CA GLY K 27 -13.85 -22.51 31.61
C GLY K 27 -12.39 -22.54 31.18
N PHE K 28 -12.17 -22.52 29.87
CA PHE K 28 -10.84 -22.54 29.29
C PHE K 28 -10.94 -22.10 27.84
N TRP K 29 -9.80 -22.08 27.15
CA TRP K 29 -9.79 -21.92 25.70
C TRP K 29 -8.62 -22.72 25.15
N ASP K 30 -8.92 -23.68 24.28
CA ASP K 30 -7.88 -24.47 23.66
C ASP K 30 -7.04 -23.60 22.71
N CYS K 31 -5.83 -24.05 22.44
CA CYS K 31 -4.94 -23.36 21.52
C CYS K 31 -4.78 -24.18 20.25
N SER K 32 -4.82 -23.50 19.10
CA SER K 32 -4.65 -24.16 17.82
C SER K 32 -3.20 -24.53 17.52
N VAL K 33 -2.25 -24.02 18.29
CA VAL K 33 -0.83 -24.28 18.04
C VAL K 33 -0.30 -25.34 18.99
N CYS K 34 -0.31 -25.03 20.29
CA CYS K 34 0.29 -25.93 21.28
C CYS K 34 -0.66 -27.02 21.77
N THR K 35 -1.96 -26.90 21.48
CA THR K 35 -2.97 -27.91 21.78
C THR K 35 -3.18 -27.99 23.31
N PHE K 36 -2.41 -27.21 24.06
CA PHE K 36 -2.50 -27.21 25.51
C PHE K 36 -3.60 -26.28 25.97
N ARG K 37 -4.49 -26.79 26.83
CA ARG K 37 -5.57 -25.98 27.36
C ARG K 37 -5.02 -24.87 28.24
N ASN K 38 -5.57 -23.68 28.09
CA ASN K 38 -5.15 -22.51 28.84
C ASN K 38 -6.30 -22.04 29.73
N SER K 39 -5.95 -21.34 30.81
CA SER K 39 -6.96 -20.87 31.74
C SER K 39 -7.89 -19.88 31.07
N ALA K 40 -9.15 -19.87 31.51
CA ALA K 40 -10.13 -18.97 30.92
C ALA K 40 -9.72 -17.52 31.09
N GLU K 41 -9.24 -17.16 32.28
CA GLU K 41 -8.74 -15.80 32.52
C GLU K 41 -7.25 -15.71 32.24
N ALA K 42 -6.86 -16.19 31.07
CA ALA K 42 -5.52 -16.03 30.53
C ALA K 42 -5.66 -15.61 29.07
N PHE K 43 -4.75 -14.75 28.62
CA PHE K 43 -4.89 -14.12 27.31
C PHE K 43 -3.73 -14.47 26.38
N LYS K 44 -2.90 -15.43 26.78
CA LYS K 44 -1.85 -16.01 25.95
C LYS K 44 -1.61 -17.42 26.46
N CYS K 45 -1.03 -18.26 25.61
CA CYS K 45 -0.62 -19.58 26.06
C CYS K 45 0.62 -19.46 26.94
N SER K 46 0.57 -20.08 28.11
CA SER K 46 1.71 -20.08 29.02
C SER K 46 2.83 -20.99 28.57
N ILE K 47 2.72 -21.58 27.37
CA ILE K 47 3.71 -22.54 26.88
C ILE K 47 4.28 -22.09 25.55
N CYS K 48 3.42 -21.89 24.55
CA CYS K 48 3.87 -21.53 23.21
C CYS K 48 3.76 -20.04 22.92
N ASP K 49 3.30 -19.24 23.87
CA ASP K 49 3.26 -17.78 23.81
C ASP K 49 2.39 -17.24 22.69
N VAL K 50 1.57 -18.08 22.06
CA VAL K 50 0.67 -17.60 21.01
C VAL K 50 -0.51 -16.89 21.66
N ARG K 51 -0.83 -15.70 21.13
CA ARG K 51 -1.90 -14.89 21.70
C ARG K 51 -3.26 -15.55 21.49
N LYS K 52 -4.20 -15.23 22.38
CA LYS K 52 -5.53 -15.81 22.30
C LYS K 52 -6.24 -15.33 21.02
N GLY K 53 -6.85 -16.28 20.30
CA GLY K 53 -7.46 -15.95 19.04
C GLY K 53 -8.89 -15.47 19.17
N THR K 54 -9.35 -14.82 18.10
CA THR K 54 -10.72 -14.36 18.00
C THR K 54 -11.63 -15.55 17.69
N SER K 55 -12.91 -15.41 18.03
CA SER K 55 -13.87 -16.50 17.86
C SER K 55 -13.90 -17.01 16.42
N THR K 56 -13.82 -16.12 15.44
CA THR K 56 -13.91 -16.53 14.05
C THR K 56 -12.54 -16.94 13.49
N ARG K 57 -11.57 -16.04 13.56
CA ARG K 57 -10.25 -16.28 12.99
C ARG K 57 -9.31 -16.83 14.05
N LYS K 58 -8.71 -17.97 13.74
CA LYS K 58 -7.83 -18.72 14.64
C LYS K 58 -6.39 -18.29 14.44
N PRO K 59 -5.53 -18.49 15.44
CA PRO K 59 -4.13 -18.05 15.31
C PRO K 59 -3.39 -18.79 14.22
N ARG K 60 -2.30 -18.18 13.76
CA ARG K 60 -1.56 -18.67 12.60
C ARG K 60 -0.63 -19.81 13.03
N ILE K 61 0.27 -20.21 12.13
CA ILE K 61 1.28 -21.20 12.48
C ILE K 61 2.25 -20.64 13.50
N ASN K 62 2.74 -19.43 13.27
CA ASN K 62 3.67 -18.79 14.19
C ASN K 62 3.05 -17.56 14.83
N MET L 1 6.06 -50.02 21.27
CA MET L 1 5.33 -48.75 21.27
C MET L 1 6.03 -47.71 20.40
N GLN L 2 5.31 -47.19 19.43
CA GLN L 2 5.82 -46.15 18.54
C GLN L 2 5.09 -44.85 18.81
N ILE L 3 5.85 -43.78 19.06
CA ILE L 3 5.31 -42.48 19.38
C ILE L 3 5.91 -41.44 18.44
N PHE L 4 5.08 -40.51 17.98
CA PHE L 4 5.51 -39.41 17.13
C PHE L 4 5.49 -38.12 17.93
N VAL L 5 6.58 -37.38 17.89
CA VAL L 5 6.71 -36.11 18.60
C VAL L 5 6.55 -35.00 17.57
N LYS L 6 5.36 -34.40 17.53
CA LYS L 6 5.08 -33.30 16.60
C LYS L 6 5.54 -31.98 17.22
N THR L 7 6.82 -31.70 17.03
CA THR L 7 7.39 -30.44 17.52
C THR L 7 6.79 -29.26 16.76
N LEU L 8 6.71 -28.12 17.44
CA LEU L 8 6.14 -26.92 16.84
C LEU L 8 6.92 -26.46 15.62
N THR L 9 8.16 -26.90 15.46
CA THR L 9 8.90 -26.60 14.24
C THR L 9 8.26 -27.23 13.03
N GLY L 10 7.81 -28.48 13.15
CA GLY L 10 7.16 -29.16 12.05
C GLY L 10 7.75 -30.53 11.74
N LYS L 11 8.53 -31.07 12.68
CA LYS L 11 9.18 -32.36 12.50
C LYS L 11 8.48 -33.41 13.35
N THR L 12 8.20 -34.57 12.73
CA THR L 12 7.54 -35.67 13.42
C THR L 12 8.60 -36.68 13.86
N ILE L 13 9.22 -36.40 15.00
CA ILE L 13 10.26 -37.28 15.54
C ILE L 13 9.62 -38.56 16.07
N THR L 14 10.20 -39.69 15.70
CA THR L 14 9.68 -41.00 16.08
C THR L 14 10.65 -41.69 17.03
N LEU L 15 10.11 -42.30 18.09
CA LEU L 15 10.91 -43.01 19.08
C LEU L 15 10.17 -44.27 19.52
N GLU L 16 10.93 -45.19 20.09
CA GLU L 16 10.39 -46.44 20.63
C GLU L 16 10.45 -46.40 22.15
N VAL L 17 9.35 -46.74 22.80
CA VAL L 17 9.22 -46.67 24.25
C VAL L 17 8.49 -47.91 24.73
N GLU L 18 8.25 -47.97 26.04
CA GLU L 18 7.61 -49.08 26.73
C GLU L 18 6.41 -48.56 27.52
N PRO L 19 5.30 -49.30 27.57
CA PRO L 19 4.10 -48.77 28.24
C PRO L 19 4.32 -48.40 29.70
N SER L 20 5.17 -49.12 30.42
CA SER L 20 5.49 -48.79 31.81
C SER L 20 6.72 -47.90 31.95
N ASP L 21 7.29 -47.45 30.83
CA ASP L 21 8.50 -46.64 30.88
C ASP L 21 8.21 -45.27 31.49
N THR L 22 9.25 -44.69 32.09
CA THR L 22 9.14 -43.37 32.69
C THR L 22 9.31 -42.28 31.63
N ILE L 23 8.74 -41.11 31.91
CA ILE L 23 8.83 -39.99 30.98
C ILE L 23 10.28 -39.53 30.83
N GLU L 24 11.11 -39.75 31.86
CA GLU L 24 12.49 -39.31 31.80
C GLU L 24 13.25 -40.01 30.69
N ASN L 25 13.04 -41.31 30.52
CA ASN L 25 13.69 -42.05 29.44
C ASN L 25 13.23 -41.56 28.08
N VAL L 26 11.93 -41.29 27.94
CA VAL L 26 11.40 -40.79 26.68
C VAL L 26 12.05 -39.45 26.35
N LYS L 27 12.19 -38.57 27.36
CA LYS L 27 12.86 -37.30 27.15
C LYS L 27 14.32 -37.49 26.76
N ALA L 28 14.99 -38.44 27.41
CA ALA L 28 16.42 -38.67 27.14
C ALA L 28 16.63 -39.20 25.73
N LYS L 29 15.67 -39.96 25.20
CA LYS L 29 15.81 -40.46 23.83
C LYS L 29 15.83 -39.32 22.81
N ILE L 30 15.07 -38.24 23.06
CA ILE L 30 15.12 -37.08 22.17
C ILE L 30 16.50 -36.45 22.20
N GLN L 31 17.06 -36.29 23.40
CA GLN L 31 18.43 -35.79 23.51
C GLN L 31 19.41 -36.69 22.78
N ASP L 32 19.16 -38.00 22.79
CA ASP L 32 19.99 -38.90 22.00
C ASP L 32 19.85 -38.62 20.52
N LYS L 33 18.63 -38.33 20.06
CA LYS L 33 18.43 -38.09 18.64
C LYS L 33 18.76 -36.66 18.24
N GLU L 34 18.34 -35.67 19.03
CA GLU L 34 18.56 -34.27 18.70
C GLU L 34 19.60 -33.60 19.57
N GLY L 35 19.47 -33.72 20.89
CA GLY L 35 20.43 -33.10 21.80
C GLY L 35 19.81 -32.09 22.73
N ILE L 36 18.48 -32.06 22.79
CA ILE L 36 17.78 -31.13 23.68
C ILE L 36 17.73 -31.75 25.07
N PRO L 37 18.27 -31.07 26.09
CA PRO L 37 18.30 -31.66 27.42
C PRO L 37 16.90 -31.80 27.98
N PRO L 38 16.67 -32.79 28.85
CA PRO L 38 15.31 -32.98 29.41
C PRO L 38 14.82 -31.79 30.23
N ASP L 39 15.72 -30.99 30.78
CA ASP L 39 15.29 -29.84 31.57
C ASP L 39 14.55 -28.83 30.71
N GLN L 40 15.03 -28.58 29.50
CA GLN L 40 14.43 -27.59 28.60
C GLN L 40 13.28 -28.16 27.78
N GLN L 41 12.95 -29.44 27.95
CA GLN L 41 11.94 -30.09 27.12
C GLN L 41 10.58 -30.01 27.79
N ARG L 42 9.57 -29.63 27.01
CA ARG L 42 8.19 -29.56 27.46
C ARG L 42 7.33 -30.41 26.54
N LEU L 43 6.61 -31.37 27.11
CA LEU L 43 5.80 -32.31 26.35
C LEU L 43 4.32 -32.00 26.58
N ILE L 44 3.57 -31.88 25.49
CA ILE L 44 2.15 -31.54 25.53
C ILE L 44 1.36 -32.68 24.90
N PHE L 45 0.34 -33.15 25.61
CA PHE L 45 -0.53 -34.21 25.11
C PHE L 45 -1.89 -34.07 25.79
N ALA L 46 -2.93 -33.82 24.99
CA ALA L 46 -4.30 -33.68 25.49
C ALA L 46 -4.38 -32.61 26.57
N GLY L 47 -3.62 -31.53 26.38
CA GLY L 47 -3.62 -30.44 27.35
C GLY L 47 -3.11 -30.83 28.71
N LYS L 48 -2.11 -31.70 28.76
CA LYS L 48 -1.49 -32.13 30.01
C LYS L 48 0.02 -32.09 29.87
N GLN L 49 0.69 -31.44 30.81
CA GLN L 49 2.15 -31.36 30.82
C GLN L 49 2.70 -32.55 31.59
N LEU L 50 3.41 -33.44 30.90
CA LEU L 50 3.95 -34.63 31.52
C LEU L 50 5.09 -34.27 32.48
N GLU L 51 5.30 -35.13 33.47
CA GLU L 51 6.37 -34.97 34.44
C GLU L 51 7.28 -36.19 34.41
N ASP L 52 8.58 -35.96 34.61
CA ASP L 52 9.54 -37.06 34.57
C ASP L 52 9.30 -38.07 35.69
N GLY L 53 8.68 -37.63 36.78
CA GLY L 53 8.41 -38.53 37.89
C GLY L 53 7.27 -39.50 37.66
N ARG L 54 6.48 -39.30 36.62
CA ARG L 54 5.38 -40.19 36.28
C ARG L 54 5.79 -41.09 35.13
N THR L 55 4.84 -41.90 34.63
CA THR L 55 5.08 -42.84 33.56
C THR L 55 4.06 -42.60 32.45
N LEU L 56 4.31 -43.26 31.31
CA LEU L 56 3.40 -43.15 30.16
C LEU L 56 2.02 -43.70 30.50
N SER L 57 1.97 -44.83 31.21
CA SER L 57 0.69 -45.45 31.54
C SER L 57 -0.12 -44.59 32.52
N ASP L 58 0.56 -43.76 33.32
CA ASP L 58 -0.15 -42.91 34.27
C ASP L 58 -1.01 -41.86 33.57
N TYR L 59 -0.65 -41.50 32.34
CA TYR L 59 -1.35 -40.49 31.58
C TYR L 59 -2.34 -41.06 30.57
N ASN L 60 -2.63 -42.36 30.67
CA ASN L 60 -3.57 -43.04 29.76
C ASN L 60 -3.14 -42.88 28.31
N ILE L 61 -1.85 -43.07 28.05
CA ILE L 61 -1.28 -42.94 26.71
C ILE L 61 -1.40 -44.30 26.01
N GLN L 62 -2.08 -44.32 24.87
CA GLN L 62 -2.37 -45.55 24.15
C GLN L 62 -1.43 -45.69 22.95
N LYS L 63 -1.71 -46.68 22.10
CA LYS L 63 -0.88 -46.96 20.94
C LYS L 63 -0.95 -45.82 19.93
N GLU L 64 0.13 -45.66 19.16
CA GLU L 64 0.21 -44.67 18.09
C GLU L 64 -0.07 -43.26 18.63
N SER L 65 0.51 -42.95 19.78
CA SER L 65 0.31 -41.65 20.40
C SER L 65 1.12 -40.57 19.68
N THR L 66 0.58 -39.36 19.68
CA THR L 66 1.23 -38.20 19.09
C THR L 66 1.52 -37.19 20.19
N LEU L 67 2.77 -36.76 20.28
CA LEU L 67 3.21 -35.82 21.30
C LEU L 67 3.71 -34.54 20.65
N HIS L 68 3.78 -33.48 21.44
CA HIS L 68 4.26 -32.18 20.99
C HIS L 68 5.37 -31.70 21.92
N LEU L 69 6.41 -31.12 21.33
CA LEU L 69 7.56 -30.63 22.08
C LEU L 69 7.63 -29.11 21.97
N VAL L 70 7.83 -28.46 23.10
CA VAL L 70 7.95 -26.99 23.16
C VAL L 70 9.21 -26.64 23.92
N LEU L 71 10.01 -25.74 23.35
CA LEU L 71 11.23 -25.26 23.98
C LEU L 71 10.91 -24.02 24.81
N ARG L 72 11.18 -24.08 26.11
CA ARG L 72 10.92 -22.98 27.03
C ARG L 72 12.24 -22.58 27.68
N LEU L 73 12.77 -21.42 27.29
CA LEU L 73 14.04 -20.95 27.81
C LEU L 73 13.90 -19.60 28.48
ZN ZN M . -0.70 -22.33 22.53
#